data_7JN6
#
_entry.id   7JN6
#
_entity_poly.entity_id   1
_entity_poly.type   'polypeptide(L)'
_entity_poly.pdbx_seq_one_letter_code
;AHCDHFLGEAPVYPCKEKACKSVCKEHYHHACKGECEYHGREVHCHCYGDYH
;
_entity_poly.pdbx_strand_id   A
#
# COMPACT_ATOMS: atom_id res chain seq x y z
N ALA A 1 -4.54 16.17 3.35
CA ALA A 1 -4.83 14.76 3.33
C ALA A 1 -5.07 14.28 1.90
N HIS A 2 -4.01 13.87 1.24
CA HIS A 2 -4.11 13.36 -0.11
C HIS A 2 -3.61 11.95 -0.15
N CYS A 3 -4.31 11.09 -0.85
CA CYS A 3 -3.90 9.69 -1.00
C CYS A 3 -2.96 9.54 -2.19
N ASP A 4 -2.44 10.66 -2.65
CA ASP A 4 -1.56 10.69 -3.80
C ASP A 4 -0.11 10.46 -3.43
N HIS A 5 0.15 10.23 -2.16
CA HIS A 5 1.51 10.05 -1.69
C HIS A 5 1.74 8.59 -1.34
N PHE A 6 2.95 8.11 -1.53
CA PHE A 6 3.31 6.79 -1.08
C PHE A 6 3.86 6.91 0.32
N LEU A 7 3.35 6.12 1.21
CA LEU A 7 3.84 6.11 2.56
C LEU A 7 4.91 5.08 2.69
N GLY A 8 4.71 3.98 2.04
CA GLY A 8 5.64 2.90 2.10
C GLY A 8 5.11 1.71 1.40
N GLU A 9 5.53 0.56 1.85
CA GLU A 9 5.19 -0.70 1.23
C GLU A 9 4.73 -1.67 2.27
N ALA A 10 3.89 -2.56 1.89
CA ALA A 10 3.44 -3.61 2.76
C ALA A 10 3.77 -4.96 2.14
N PRO A 11 4.26 -5.90 2.93
CA PRO A 11 4.55 -7.24 2.43
C PRO A 11 3.27 -8.09 2.32
N VAL A 12 2.70 -8.11 1.14
CA VAL A 12 1.47 -8.85 0.92
C VAL A 12 1.64 -9.77 -0.27
N TYR A 13 1.63 -11.06 -0.04
CA TYR A 13 1.71 -12.01 -1.11
C TYR A 13 0.82 -13.21 -0.78
N PRO A 14 -0.12 -13.58 -1.68
CA PRO A 14 -0.36 -12.88 -2.93
C PRO A 14 -1.01 -11.53 -2.66
N CYS A 15 -0.75 -10.58 -3.51
CA CYS A 15 -1.20 -9.26 -3.27
C CYS A 15 -2.51 -9.01 -3.97
N LYS A 16 -3.55 -8.90 -3.19
CA LYS A 16 -4.84 -8.51 -3.70
C LYS A 16 -5.01 -7.06 -3.42
N GLU A 17 -5.55 -6.35 -4.37
CA GLU A 17 -5.81 -4.89 -4.27
C GLU A 17 -6.49 -4.51 -2.94
N LYS A 18 -7.55 -5.21 -2.59
CA LYS A 18 -8.31 -4.90 -1.39
C LYS A 18 -7.56 -5.30 -0.13
N ALA A 19 -6.86 -6.42 -0.19
CA ALA A 19 -6.07 -6.89 0.94
C ALA A 19 -4.90 -5.94 1.18
N CYS A 20 -4.31 -5.48 0.11
CA CYS A 20 -3.20 -4.52 0.15
C CYS A 20 -3.65 -3.25 0.87
N LYS A 21 -4.81 -2.73 0.45
CA LYS A 21 -5.41 -1.53 1.02
C LYS A 21 -5.63 -1.71 2.53
N SER A 22 -5.96 -2.93 2.90
CA SER A 22 -6.23 -3.29 4.27
C SER A 22 -4.93 -3.43 5.09
N VAL A 23 -3.94 -4.12 4.53
CA VAL A 23 -2.65 -4.34 5.21
C VAL A 23 -1.88 -3.02 5.34
N CYS A 24 -2.04 -2.17 4.36
CA CYS A 24 -1.45 -0.84 4.40
C CYS A 24 -1.87 -0.06 5.61
N LYS A 25 -3.14 -0.19 6.01
CA LYS A 25 -3.65 0.51 7.19
C LYS A 25 -3.09 -0.09 8.48
N GLU A 26 -2.67 -1.34 8.39
CA GLU A 26 -2.08 -2.05 9.52
C GLU A 26 -0.69 -1.52 9.78
N HIS A 27 0.08 -1.40 8.72
CA HIS A 27 1.45 -0.92 8.85
C HIS A 27 1.47 0.60 9.01
N TYR A 28 0.74 1.26 8.16
CA TYR A 28 0.69 2.70 8.15
C TYR A 28 -0.74 3.10 8.49
N HIS A 29 -0.95 3.61 9.66
CA HIS A 29 -2.32 3.89 10.13
C HIS A 29 -2.97 5.04 9.39
N HIS A 30 -2.17 5.87 8.78
CA HIS A 30 -2.71 7.01 8.05
C HIS A 30 -2.77 6.68 6.56
N ALA A 31 -2.68 5.41 6.24
CA ALA A 31 -2.81 4.98 4.86
C ALA A 31 -4.28 4.87 4.53
N CYS A 32 -4.61 5.22 3.34
CA CYS A 32 -5.98 5.18 2.90
C CYS A 32 -6.15 4.18 1.77
N LYS A 33 -5.23 4.17 0.82
CA LYS A 33 -5.32 3.27 -0.30
C LYS A 33 -4.08 2.37 -0.34
N GLY A 34 -4.22 1.20 -0.89
CA GLY A 34 -3.12 0.32 -1.12
C GLY A 34 -3.34 -0.34 -2.44
N GLU A 35 -2.30 -0.51 -3.22
CA GLU A 35 -2.45 -1.11 -4.52
C GLU A 35 -1.23 -1.96 -4.84
N CYS A 36 -1.48 -3.05 -5.51
CA CYS A 36 -0.44 -3.99 -5.85
C CYS A 36 0.12 -3.67 -7.23
N GLU A 37 1.43 -3.53 -7.30
CA GLU A 37 2.11 -3.24 -8.56
C GLU A 37 3.35 -4.08 -8.66
N TYR A 38 3.70 -4.46 -9.85
CA TYR A 38 4.91 -5.22 -10.05
C TYR A 38 6.08 -4.31 -10.19
N HIS A 39 7.08 -4.55 -9.41
CA HIS A 39 8.32 -3.82 -9.47
C HIS A 39 9.41 -4.81 -9.60
N GLY A 40 10.02 -4.82 -10.74
CA GLY A 40 10.98 -5.82 -11.02
C GLY A 40 10.26 -7.05 -11.45
N ARG A 41 10.15 -8.02 -10.55
CA ARG A 41 9.45 -9.25 -10.85
C ARG A 41 8.34 -9.54 -9.85
N GLU A 42 8.54 -9.13 -8.61
CA GLU A 42 7.56 -9.37 -7.57
C GLU A 42 6.53 -8.26 -7.53
N VAL A 43 5.41 -8.57 -6.93
CA VAL A 43 4.36 -7.61 -6.78
C VAL A 43 4.47 -6.96 -5.40
N HIS A 44 4.50 -5.67 -5.38
CA HIS A 44 4.65 -4.92 -4.17
C HIS A 44 3.35 -4.23 -3.84
N CYS A 45 3.02 -4.22 -2.59
CA CYS A 45 1.84 -3.55 -2.08
C CYS A 45 2.24 -2.14 -1.71
N HIS A 46 1.81 -1.18 -2.49
CA HIS A 46 2.16 0.19 -2.28
C HIS A 46 1.09 0.87 -1.48
N CYS A 47 1.50 1.46 -0.41
CA CYS A 47 0.60 2.11 0.51
C CYS A 47 0.52 3.59 0.23
N TYR A 48 -0.68 4.04 -0.05
CA TYR A 48 -0.96 5.41 -0.36
C TYR A 48 -1.61 6.05 0.82
N GLY A 49 -1.27 7.26 1.09
CA GLY A 49 -1.85 7.97 2.17
C GLY A 49 -1.29 9.32 2.22
N ASP A 50 -1.64 10.07 3.21
CA ASP A 50 -1.11 11.38 3.36
C ASP A 50 0.06 11.34 4.27
N TYR A 51 1.18 11.81 3.82
CA TYR A 51 2.37 11.76 4.62
C TYR A 51 2.46 13.00 5.48
N HIS A 52 2.31 12.81 6.74
CA HIS A 52 2.44 13.85 7.70
C HIS A 52 3.22 13.32 8.87
N ALA A 1 -6.93 13.13 3.31
CA ALA A 1 -6.79 13.79 2.03
C ALA A 1 -6.68 12.72 0.96
N HIS A 2 -6.27 13.08 -0.24
CA HIS A 2 -6.01 12.08 -1.26
C HIS A 2 -4.69 11.39 -0.95
N CYS A 3 -4.56 10.17 -1.34
CA CYS A 3 -3.40 9.39 -1.01
C CYS A 3 -2.41 9.41 -2.17
N ASP A 4 -1.56 10.43 -2.20
CA ASP A 4 -0.57 10.54 -3.27
C ASP A 4 0.82 10.53 -2.71
N HIS A 5 0.94 10.26 -1.44
CA HIS A 5 2.24 10.22 -0.81
C HIS A 5 2.60 8.78 -0.53
N PHE A 6 3.63 8.31 -1.18
CA PHE A 6 4.13 6.96 -0.99
C PHE A 6 4.77 6.85 0.40
N LEU A 7 4.30 5.92 1.18
CA LEU A 7 4.80 5.74 2.52
C LEU A 7 5.82 4.62 2.54
N GLY A 8 5.47 3.50 1.97
CA GLY A 8 6.34 2.38 1.96
C GLY A 8 5.74 1.23 1.18
N GLU A 9 6.44 0.13 1.12
CA GLU A 9 5.97 -1.03 0.42
C GLU A 9 5.71 -2.17 1.41
N ALA A 10 4.54 -2.73 1.33
CA ALA A 10 4.14 -3.79 2.21
C ALA A 10 4.01 -5.11 1.44
N PRO A 11 4.41 -6.23 2.07
CA PRO A 11 4.27 -7.54 1.48
C PRO A 11 2.81 -8.02 1.53
N VAL A 12 2.15 -7.98 0.40
CA VAL A 12 0.77 -8.41 0.31
C VAL A 12 0.64 -9.50 -0.73
N TYR A 13 0.51 -10.71 -0.26
CA TYR A 13 0.32 -11.83 -1.11
C TYR A 13 -0.76 -12.74 -0.53
N PRO A 14 -1.84 -13.02 -1.29
CA PRO A 14 -2.00 -12.54 -2.66
C PRO A 14 -2.40 -11.07 -2.70
N CYS A 15 -1.94 -10.39 -3.73
CA CYS A 15 -2.27 -9.01 -3.92
C CYS A 15 -3.73 -8.85 -4.24
N LYS A 16 -4.41 -8.13 -3.42
CA LYS A 16 -5.77 -7.82 -3.62
C LYS A 16 -5.94 -6.40 -3.17
N GLU A 17 -6.72 -5.64 -3.87
CA GLU A 17 -6.92 -4.22 -3.60
C GLU A 17 -7.42 -3.99 -2.17
N LYS A 18 -8.42 -4.76 -1.78
CA LYS A 18 -8.97 -4.70 -0.43
C LYS A 18 -7.91 -5.11 0.59
N ALA A 19 -7.18 -6.19 0.28
CA ALA A 19 -6.13 -6.70 1.16
C ALA A 19 -5.07 -5.64 1.34
N CYS A 20 -4.68 -5.02 0.25
CA CYS A 20 -3.75 -3.92 0.26
C CYS A 20 -4.17 -2.81 1.18
N LYS A 21 -5.40 -2.33 1.01
CA LYS A 21 -5.90 -1.25 1.83
C LYS A 21 -5.89 -1.62 3.32
N SER A 22 -6.20 -2.87 3.62
CA SER A 22 -6.22 -3.33 4.99
C SER A 22 -4.79 -3.47 5.54
N VAL A 23 -3.92 -4.18 4.80
CA VAL A 23 -2.54 -4.41 5.21
C VAL A 23 -1.79 -3.10 5.35
N CYS A 24 -2.06 -2.16 4.47
CA CYS A 24 -1.48 -0.85 4.55
C CYS A 24 -1.84 -0.13 5.85
N LYS A 25 -3.09 -0.29 6.31
CA LYS A 25 -3.53 0.33 7.59
C LYS A 25 -2.79 -0.32 8.75
N GLU A 26 -2.55 -1.60 8.60
CA GLU A 26 -1.88 -2.41 9.59
C GLU A 26 -0.40 -2.07 9.68
N HIS A 27 0.21 -1.74 8.57
CA HIS A 27 1.60 -1.34 8.59
C HIS A 27 1.76 0.15 8.91
N TYR A 28 0.96 0.98 8.28
CA TYR A 28 1.06 2.42 8.45
C TYR A 28 -0.29 2.98 8.86
N HIS A 29 -0.32 3.78 9.90
CA HIS A 29 -1.58 4.36 10.40
C HIS A 29 -2.09 5.44 9.46
N HIS A 30 -1.18 5.98 8.68
CA HIS A 30 -1.51 7.06 7.77
C HIS A 30 -1.82 6.52 6.38
N ALA A 31 -1.70 5.21 6.18
CA ALA A 31 -1.91 4.63 4.86
C ALA A 31 -3.37 4.39 4.59
N CYS A 32 -3.81 4.91 3.51
CA CYS A 32 -5.18 4.80 3.09
C CYS A 32 -5.32 4.03 1.78
N LYS A 33 -4.30 4.08 0.97
CA LYS A 33 -4.36 3.47 -0.34
C LYS A 33 -3.24 2.49 -0.53
N GLY A 34 -3.54 1.35 -1.06
CA GLY A 34 -2.55 0.34 -1.34
C GLY A 34 -2.65 -0.08 -2.78
N GLU A 35 -1.53 -0.22 -3.44
CA GLU A 35 -1.50 -0.52 -4.86
C GLU A 35 -0.26 -1.37 -5.17
N CYS A 36 -0.44 -2.44 -5.89
CA CYS A 36 0.66 -3.35 -6.20
C CYS A 36 1.35 -2.98 -7.49
N GLU A 37 2.66 -3.03 -7.49
CA GLU A 37 3.43 -2.75 -8.67
C GLU A 37 4.49 -3.79 -8.83
N TYR A 38 4.59 -4.32 -10.02
CA TYR A 38 5.53 -5.37 -10.31
C TYR A 38 6.84 -4.78 -10.73
N HIS A 39 7.89 -5.32 -10.22
CA HIS A 39 9.21 -4.94 -10.58
C HIS A 39 9.93 -6.21 -10.97
N GLY A 40 9.85 -6.53 -12.23
CA GLY A 40 10.35 -7.78 -12.71
C GLY A 40 9.31 -8.85 -12.45
N ARG A 41 9.63 -9.79 -11.59
CA ARG A 41 8.67 -10.82 -11.23
C ARG A 41 8.01 -10.44 -9.91
N GLU A 42 8.78 -9.80 -9.07
CA GLU A 42 8.38 -9.47 -7.72
C GLU A 42 7.42 -8.30 -7.68
N VAL A 43 6.57 -8.29 -6.68
CA VAL A 43 5.56 -7.28 -6.56
C VAL A 43 5.28 -6.97 -5.08
N HIS A 44 5.22 -5.71 -4.77
CA HIS A 44 4.85 -5.27 -3.45
C HIS A 44 3.73 -4.31 -3.55
N CYS A 45 3.04 -4.15 -2.47
CA CYS A 45 1.96 -3.24 -2.43
C CYS A 45 2.45 -1.95 -1.84
N HIS A 46 2.34 -0.91 -2.60
CA HIS A 46 2.80 0.36 -2.20
C HIS A 46 1.69 1.06 -1.47
N CYS A 47 1.97 1.45 -0.27
CA CYS A 47 1.02 2.08 0.58
C CYS A 47 1.19 3.58 0.51
N TYR A 48 0.11 4.25 0.22
CA TYR A 48 0.09 5.67 0.11
C TYR A 48 -0.78 6.22 1.22
N GLY A 49 -0.47 7.38 1.67
CA GLY A 49 -1.23 8.01 2.70
C GLY A 49 -1.07 9.49 2.64
N ASP A 50 -1.55 10.18 3.62
CA ASP A 50 -1.39 11.61 3.71
C ASP A 50 -1.12 12.01 5.14
N TYR A 51 -0.40 13.11 5.31
CA TYR A 51 -0.06 13.59 6.62
C TYR A 51 -0.76 14.89 6.94
N HIS A 52 -1.57 14.85 7.98
CA HIS A 52 -2.25 16.00 8.58
C HIS A 52 -3.03 16.81 7.56
N ALA A 1 -4.18 14.69 3.60
CA ALA A 1 -4.90 15.50 2.65
C ALA A 1 -5.40 14.63 1.49
N HIS A 2 -4.52 14.27 0.57
CA HIS A 2 -4.92 13.41 -0.53
C HIS A 2 -4.07 12.13 -0.53
N CYS A 3 -4.64 11.03 -0.94
CA CYS A 3 -3.94 9.76 -0.96
C CYS A 3 -3.15 9.54 -2.23
N ASP A 4 -2.07 10.26 -2.38
CA ASP A 4 -1.18 10.05 -3.51
C ASP A 4 0.26 10.26 -3.11
N HIS A 5 0.49 10.29 -1.81
CA HIS A 5 1.83 10.40 -1.29
C HIS A 5 2.24 9.02 -0.76
N PHE A 6 3.45 8.61 -1.05
CA PHE A 6 3.91 7.29 -0.66
C PHE A 6 4.37 7.30 0.78
N LEU A 7 3.84 6.40 1.56
CA LEU A 7 4.29 6.23 2.93
C LEU A 7 5.49 5.29 2.89
N GLY A 8 5.34 4.25 2.14
CA GLY A 8 6.34 3.26 2.01
C GLY A 8 5.79 2.10 1.24
N GLU A 9 6.51 1.02 1.23
CA GLU A 9 6.07 -0.17 0.54
C GLU A 9 5.84 -1.29 1.53
N ALA A 10 4.91 -2.15 1.20
CA ALA A 10 4.58 -3.29 2.02
C ALA A 10 4.32 -4.50 1.12
N PRO A 11 4.81 -5.67 1.50
CA PRO A 11 4.55 -6.89 0.73
C PRO A 11 3.12 -7.41 0.95
N VAL A 12 2.49 -7.91 -0.09
CA VAL A 12 1.13 -8.43 0.01
C VAL A 12 1.00 -9.69 -0.82
N TYR A 13 0.14 -10.59 -0.41
CA TYR A 13 -0.14 -11.76 -1.19
C TYR A 13 -1.48 -12.31 -0.72
N PRO A 14 -2.47 -12.47 -1.61
CA PRO A 14 -2.38 -12.12 -3.04
C PRO A 14 -2.73 -10.65 -3.27
N CYS A 15 -2.48 -10.18 -4.46
CA CYS A 15 -2.75 -8.81 -4.81
C CYS A 15 -4.23 -8.51 -5.04
N LYS A 16 -4.86 -8.05 -4.00
CA LYS A 16 -6.18 -7.48 -4.04
C LYS A 16 -6.06 -6.14 -3.38
N GLU A 17 -6.71 -5.13 -3.92
CA GLU A 17 -6.64 -3.78 -3.36
C GLU A 17 -7.02 -3.74 -1.90
N LYS A 18 -8.09 -4.42 -1.56
CA LYS A 18 -8.56 -4.46 -0.19
C LYS A 18 -7.51 -5.09 0.73
N ALA A 19 -6.84 -6.14 0.25
CA ALA A 19 -5.80 -6.84 1.01
C ALA A 19 -4.56 -5.96 1.11
N CYS A 20 -4.23 -5.34 -0.01
CA CYS A 20 -3.09 -4.43 -0.12
C CYS A 20 -3.25 -3.27 0.85
N LYS A 21 -4.42 -2.67 0.84
CA LYS A 21 -4.76 -1.57 1.71
C LYS A 21 -4.66 -2.03 3.17
N SER A 22 -5.14 -3.25 3.44
CA SER A 22 -5.09 -3.83 4.76
C SER A 22 -3.65 -3.96 5.28
N VAL A 23 -2.79 -4.63 4.51
CA VAL A 23 -1.40 -4.83 4.94
C VAL A 23 -0.66 -3.48 5.01
N CYS A 24 -0.98 -2.59 4.09
CA CYS A 24 -0.42 -1.26 4.11
C CYS A 24 -0.75 -0.53 5.40
N LYS A 25 -1.99 -0.71 5.89
CA LYS A 25 -2.40 -0.06 7.14
C LYS A 25 -1.73 -0.71 8.34
N GLU A 26 -1.42 -2.00 8.20
CA GLU A 26 -0.73 -2.72 9.25
C GLU A 26 0.67 -2.19 9.40
N HIS A 27 1.29 -1.86 8.30
CA HIS A 27 2.60 -1.24 8.34
C HIS A 27 2.45 0.23 8.72
N TYR A 28 1.72 0.95 7.89
CA TYR A 28 1.55 2.37 8.02
C TYR A 28 0.06 2.64 8.19
N HIS A 29 -0.35 2.98 9.40
CA HIS A 29 -1.77 3.15 9.74
C HIS A 29 -2.50 4.18 8.85
N HIS A 30 -1.77 5.18 8.40
CA HIS A 30 -2.35 6.24 7.58
C HIS A 30 -2.54 5.85 6.13
N ALA A 31 -2.25 4.59 5.79
CA ALA A 31 -2.44 4.12 4.45
C ALA A 31 -3.91 4.10 4.12
N CYS A 32 -4.24 4.72 3.04
CA CYS A 32 -5.60 4.81 2.59
C CYS A 32 -5.75 4.28 1.18
N LYS A 33 -4.64 4.04 0.52
CA LYS A 33 -4.65 3.51 -0.81
C LYS A 33 -3.43 2.64 -1.03
N GLY A 34 -3.66 1.42 -1.41
CA GLY A 34 -2.60 0.52 -1.70
C GLY A 34 -2.56 0.25 -3.17
N GLU A 35 -1.38 0.28 -3.75
CA GLU A 35 -1.20 0.03 -5.16
C GLU A 35 -0.25 -1.14 -5.36
N CYS A 36 -0.67 -2.11 -6.13
CA CYS A 36 0.14 -3.28 -6.42
C CYS A 36 1.22 -2.96 -7.44
N GLU A 37 2.44 -3.07 -7.03
CA GLU A 37 3.56 -2.90 -7.90
C GLU A 37 4.22 -4.23 -8.11
N TYR A 38 3.91 -4.86 -9.21
CA TYR A 38 4.57 -6.08 -9.56
C TYR A 38 5.91 -5.71 -10.12
N HIS A 39 6.92 -5.89 -9.34
CA HIS A 39 8.22 -5.46 -9.73
C HIS A 39 9.10 -6.67 -9.93
N GLY A 40 9.10 -7.17 -11.13
CA GLY A 40 9.92 -8.31 -11.48
C GLY A 40 9.43 -9.61 -10.87
N ARG A 41 9.77 -9.85 -9.63
CA ARG A 41 9.49 -11.11 -8.98
C ARG A 41 8.09 -11.15 -8.39
N GLU A 42 7.88 -10.36 -7.36
CA GLU A 42 6.65 -10.42 -6.61
C GLU A 42 6.06 -9.01 -6.51
N VAL A 43 4.94 -8.89 -5.83
CA VAL A 43 4.23 -7.65 -5.76
C VAL A 43 4.51 -6.89 -4.45
N HIS A 44 4.92 -5.66 -4.61
CA HIS A 44 5.16 -4.76 -3.52
C HIS A 44 4.04 -3.76 -3.55
N CYS A 45 3.45 -3.49 -2.46
CA CYS A 45 2.42 -2.50 -2.41
C CYS A 45 2.97 -1.17 -2.08
N HIS A 46 2.66 -0.20 -2.90
CA HIS A 46 2.97 1.14 -2.59
C HIS A 46 1.83 1.69 -1.81
N CYS A 47 2.10 1.98 -0.59
CA CYS A 47 1.11 2.42 0.32
C CYS A 47 1.02 3.92 0.29
N TYR A 48 -0.05 4.41 -0.24
CA TYR A 48 -0.32 5.82 -0.28
C TYR A 48 -1.07 6.17 0.97
N GLY A 49 -0.74 7.28 1.55
CA GLY A 49 -1.36 7.62 2.79
C GLY A 49 -1.84 9.02 2.88
N ASP A 50 -2.61 9.26 3.90
CA ASP A 50 -3.20 10.54 4.17
C ASP A 50 -2.57 11.18 5.38
N TYR A 51 -1.87 12.25 5.16
CA TYR A 51 -1.26 12.99 6.23
C TYR A 51 -2.25 14.00 6.75
N HIS A 52 -2.45 13.99 8.03
CA HIS A 52 -3.41 14.86 8.67
C HIS A 52 -2.84 16.27 8.71
N ALA A 1 -6.24 15.54 2.88
CA ALA A 1 -6.04 15.49 1.44
C ALA A 1 -6.20 14.04 0.95
N HIS A 2 -5.95 13.80 -0.34
CA HIS A 2 -6.13 12.47 -0.89
C HIS A 2 -4.91 11.61 -0.67
N CYS A 3 -5.12 10.32 -0.68
CA CYS A 3 -4.08 9.37 -0.37
C CYS A 3 -3.26 9.01 -1.59
N ASP A 4 -2.35 9.88 -1.98
CA ASP A 4 -1.46 9.61 -3.11
C ASP A 4 -0.02 9.66 -2.73
N HIS A 5 0.25 9.95 -1.50
CA HIS A 5 1.62 10.04 -1.06
C HIS A 5 2.16 8.64 -0.81
N PHE A 6 3.08 8.23 -1.66
CA PHE A 6 3.77 6.98 -1.50
C PHE A 6 4.64 7.05 -0.25
N LEU A 7 4.19 6.40 0.78
CA LEU A 7 4.85 6.40 2.05
C LEU A 7 5.91 5.32 2.08
N GLY A 8 5.51 4.14 1.73
CA GLY A 8 6.38 3.02 1.77
C GLY A 8 5.75 1.85 1.13
N GLU A 9 6.25 0.69 1.41
CA GLU A 9 5.77 -0.51 0.81
C GLU A 9 5.57 -1.60 1.85
N ALA A 10 4.61 -2.43 1.60
CA ALA A 10 4.27 -3.52 2.46
C ALA A 10 4.21 -4.81 1.66
N PRO A 11 4.48 -5.96 2.28
CA PRO A 11 4.37 -7.25 1.61
C PRO A 11 2.98 -7.90 1.80
N VAL A 12 2.39 -8.36 0.71
CA VAL A 12 1.13 -9.06 0.73
C VAL A 12 0.96 -9.86 -0.57
N TYR A 13 0.68 -11.13 -0.43
CA TYR A 13 0.48 -11.98 -1.58
C TYR A 13 -0.66 -12.96 -1.27
N PRO A 14 -1.66 -13.10 -2.17
CA PRO A 14 -1.73 -12.34 -3.42
C PRO A 14 -2.09 -10.89 -3.14
N CYS A 15 -1.55 -10.00 -3.92
CA CYS A 15 -1.77 -8.61 -3.68
C CYS A 15 -3.03 -8.16 -4.37
N LYS A 16 -4.07 -8.04 -3.61
CA LYS A 16 -5.31 -7.52 -4.09
C LYS A 16 -5.34 -6.07 -3.67
N GLU A 17 -5.99 -5.22 -4.45
CA GLU A 17 -6.07 -3.78 -4.19
C GLU A 17 -6.54 -3.52 -2.76
N LYS A 18 -7.69 -4.11 -2.42
CA LYS A 18 -8.28 -3.96 -1.09
C LYS A 18 -7.37 -4.53 0.00
N ALA A 19 -6.77 -5.69 -0.27
CA ALA A 19 -5.88 -6.34 0.68
C ALA A 19 -4.64 -5.49 0.91
N CYS A 20 -4.12 -4.94 -0.17
CA CYS A 20 -2.96 -4.07 -0.14
C CYS A 20 -3.29 -2.84 0.71
N LYS A 21 -4.44 -2.23 0.44
CA LYS A 21 -4.94 -1.08 1.17
C LYS A 21 -5.04 -1.41 2.68
N SER A 22 -5.52 -2.60 2.98
CA SER A 22 -5.69 -3.06 4.33
C SER A 22 -4.31 -3.25 5.01
N VAL A 23 -3.42 -4.01 4.38
CA VAL A 23 -2.08 -4.29 4.92
C VAL A 23 -1.27 -2.98 5.09
N CYS A 24 -1.43 -2.08 4.15
CA CYS A 24 -0.80 -0.78 4.23
C CYS A 24 -1.20 0.00 5.46
N LYS A 25 -2.42 -0.16 5.92
CA LYS A 25 -2.88 0.55 7.12
C LYS A 25 -2.29 -0.06 8.39
N GLU A 26 -1.83 -1.29 8.27
CA GLU A 26 -1.26 -1.98 9.39
C GLU A 26 0.21 -1.60 9.52
N HIS A 27 0.87 -1.49 8.39
CA HIS A 27 2.27 -1.08 8.39
C HIS A 27 2.40 0.44 8.54
N TYR A 28 1.59 1.15 7.83
CA TYR A 28 1.63 2.58 7.84
C TYR A 28 0.29 3.10 8.28
N HIS A 29 0.24 3.62 9.47
CA HIS A 29 -1.01 4.08 10.04
C HIS A 29 -1.57 5.30 9.31
N HIS A 30 -0.73 5.98 8.56
CA HIS A 30 -1.18 7.13 7.80
C HIS A 30 -1.62 6.73 6.40
N ALA A 31 -1.43 5.46 6.06
CA ALA A 31 -1.80 4.96 4.75
C ALA A 31 -3.28 4.71 4.69
N CYS A 32 -3.86 5.04 3.58
CA CYS A 32 -5.27 4.90 3.36
C CYS A 32 -5.58 4.38 1.95
N LYS A 33 -4.53 4.07 1.22
CA LYS A 33 -4.65 3.52 -0.10
C LYS A 33 -3.44 2.64 -0.35
N GLY A 34 -3.63 1.55 -1.03
CA GLY A 34 -2.55 0.66 -1.36
C GLY A 34 -2.71 0.19 -2.76
N GLU A 35 -1.64 0.10 -3.50
CA GLU A 35 -1.73 -0.31 -4.87
C GLU A 35 -0.61 -1.30 -5.15
N CYS A 36 -0.94 -2.35 -5.86
CA CYS A 36 -0.01 -3.41 -6.13
C CYS A 36 0.84 -3.09 -7.33
N GLU A 37 2.12 -3.23 -7.17
CA GLU A 37 3.08 -2.94 -8.21
C GLU A 37 3.96 -4.14 -8.42
N TYR A 38 4.12 -4.55 -9.65
CA TYR A 38 4.91 -5.70 -9.95
C TYR A 38 6.34 -5.31 -10.28
N HIS A 39 7.24 -5.76 -9.45
CA HIS A 39 8.64 -5.56 -9.65
C HIS A 39 9.25 -6.92 -9.96
N GLY A 40 9.34 -7.21 -11.23
CA GLY A 40 9.84 -8.48 -11.65
C GLY A 40 8.80 -9.55 -11.39
N ARG A 41 9.10 -10.44 -10.49
CA ARG A 41 8.18 -11.51 -10.14
C ARG A 41 7.49 -11.15 -8.83
N GLU A 42 8.03 -10.14 -8.17
CA GLU A 42 7.60 -9.78 -6.85
C GLU A 42 6.59 -8.67 -6.90
N VAL A 43 5.46 -8.87 -6.30
CA VAL A 43 4.48 -7.83 -6.23
C VAL A 43 4.65 -7.07 -4.92
N HIS A 44 4.79 -5.80 -5.02
CA HIS A 44 4.97 -4.95 -3.88
C HIS A 44 3.71 -4.18 -3.67
N CYS A 45 3.33 -4.04 -2.46
CA CYS A 45 2.16 -3.29 -2.10
C CYS A 45 2.62 -1.90 -1.70
N HIS A 46 2.33 -0.93 -2.53
CA HIS A 46 2.76 0.41 -2.27
C HIS A 46 1.71 1.17 -1.51
N CYS A 47 2.11 1.70 -0.40
CA CYS A 47 1.24 2.35 0.52
C CYS A 47 1.18 3.83 0.29
N TYR A 48 0.00 4.32 0.06
CA TYR A 48 -0.24 5.72 -0.15
C TYR A 48 -1.06 6.24 1.00
N GLY A 49 -0.71 7.36 1.50
CA GLY A 49 -1.44 7.91 2.58
C GLY A 49 -1.43 9.39 2.57
N ASP A 50 -2.10 9.94 3.52
CA ASP A 50 -2.15 11.36 3.76
C ASP A 50 -2.11 11.54 5.24
N TYR A 51 -1.16 12.27 5.72
CA TYR A 51 -0.94 12.41 7.15
C TYR A 51 -2.07 13.15 7.84
N HIS A 52 -2.85 12.43 8.61
CA HIS A 52 -3.87 12.99 9.44
C HIS A 52 -3.41 12.87 10.88
N ALA A 1 -6.95 12.97 3.70
CA ALA A 1 -7.85 13.43 2.66
C ALA A 1 -7.41 12.95 1.29
N HIS A 2 -6.15 13.15 0.96
CA HIS A 2 -5.65 12.81 -0.35
C HIS A 2 -4.49 11.81 -0.25
N CYS A 3 -4.69 10.68 -0.85
CA CYS A 3 -3.68 9.64 -0.90
C CYS A 3 -2.80 9.92 -2.09
N ASP A 4 -1.60 10.37 -1.88
CA ASP A 4 -0.75 10.72 -3.00
C ASP A 4 0.63 10.12 -2.90
N HIS A 5 1.33 10.45 -1.86
CA HIS A 5 2.70 10.03 -1.70
C HIS A 5 2.77 8.70 -0.97
N PHE A 6 3.84 7.99 -1.23
CA PHE A 6 4.08 6.69 -0.66
C PHE A 6 4.56 6.86 0.77
N LEU A 7 4.05 6.05 1.64
CA LEU A 7 4.50 6.00 3.01
C LEU A 7 5.52 4.91 3.15
N GLY A 8 5.50 4.02 2.20
CA GLY A 8 6.39 2.94 2.19
C GLY A 8 5.85 1.84 1.35
N GLU A 9 6.58 0.78 1.29
CA GLU A 9 6.23 -0.39 0.56
C GLU A 9 5.97 -1.49 1.56
N ALA A 10 5.12 -2.39 1.22
CA ALA A 10 4.83 -3.51 2.08
C ALA A 10 4.80 -4.78 1.24
N PRO A 11 5.10 -5.94 1.84
CA PRO A 11 4.99 -7.22 1.15
C PRO A 11 3.55 -7.74 1.20
N VAL A 12 3.08 -8.36 0.14
CA VAL A 12 1.72 -8.84 0.10
C VAL A 12 1.56 -10.06 -0.81
N TYR A 13 0.81 -11.03 -0.33
CA TYR A 13 0.42 -12.19 -1.08
C TYR A 13 -0.79 -12.78 -0.38
N PRO A 14 -1.88 -13.11 -1.08
CA PRO A 14 -2.01 -12.94 -2.53
C PRO A 14 -2.30 -11.49 -2.92
N CYS A 15 -2.02 -11.15 -4.15
CA CYS A 15 -2.16 -9.78 -4.63
C CYS A 15 -3.60 -9.40 -4.92
N LYS A 16 -4.03 -8.30 -4.34
CA LYS A 16 -5.29 -7.72 -4.58
C LYS A 16 -5.24 -6.32 -3.99
N GLU A 17 -5.89 -5.38 -4.64
CA GLU A 17 -5.93 -4.01 -4.17
C GLU A 17 -6.48 -3.86 -2.76
N LYS A 18 -7.61 -4.50 -2.45
CA LYS A 18 -8.17 -4.45 -1.10
C LYS A 18 -7.24 -5.07 -0.09
N ALA A 19 -6.56 -6.14 -0.48
CA ALA A 19 -5.63 -6.82 0.39
C ALA A 19 -4.49 -5.88 0.74
N CYS A 20 -3.91 -5.27 -0.28
CA CYS A 20 -2.82 -4.33 -0.13
C CYS A 20 -3.28 -3.09 0.66
N LYS A 21 -4.49 -2.64 0.36
CA LYS A 21 -5.06 -1.47 1.02
C LYS A 21 -5.22 -1.70 2.53
N SER A 22 -5.49 -2.95 2.91
CA SER A 22 -5.58 -3.27 4.31
C SER A 22 -4.17 -3.37 4.89
N VAL A 23 -3.29 -4.08 4.17
CA VAL A 23 -1.88 -4.26 4.58
C VAL A 23 -1.24 -2.91 4.86
N CYS A 24 -1.43 -1.99 3.94
CA CYS A 24 -0.94 -0.66 4.07
C CYS A 24 -1.39 0.04 5.33
N LYS A 25 -2.65 -0.10 5.69
CA LYS A 25 -3.15 0.54 6.89
C LYS A 25 -2.69 -0.18 8.14
N GLU A 26 -2.42 -1.46 7.99
CA GLU A 26 -1.98 -2.26 9.11
C GLU A 26 -0.49 -2.08 9.38
N HIS A 27 0.24 -1.59 8.40
CA HIS A 27 1.66 -1.28 8.62
C HIS A 27 1.87 0.24 8.80
N TYR A 28 1.15 1.02 8.02
CA TYR A 28 1.31 2.46 8.02
C TYR A 28 -0.03 3.09 8.38
N HIS A 29 -0.08 3.75 9.50
CA HIS A 29 -1.33 4.29 10.03
C HIS A 29 -1.90 5.41 9.15
N HIS A 30 -1.04 6.13 8.46
CA HIS A 30 -1.49 7.24 7.62
C HIS A 30 -1.91 6.80 6.24
N ALA A 31 -1.89 5.50 6.00
CA ALA A 31 -2.22 4.98 4.70
C ALA A 31 -3.70 5.00 4.48
N CYS A 32 -4.08 5.39 3.32
CA CYS A 32 -5.46 5.41 2.97
C CYS A 32 -5.73 4.60 1.71
N LYS A 33 -4.70 4.42 0.90
CA LYS A 33 -4.81 3.63 -0.30
C LYS A 33 -3.60 2.74 -0.40
N GLY A 34 -3.79 1.55 -0.86
CA GLY A 34 -2.70 0.65 -1.06
C GLY A 34 -2.88 -0.03 -2.37
N GLU A 35 -1.89 0.04 -3.23
CA GLU A 35 -2.02 -0.57 -4.51
C GLU A 35 -1.02 -1.69 -4.68
N CYS A 36 -1.50 -2.77 -5.21
CA CYS A 36 -0.77 -3.97 -5.35
C CYS A 36 -0.19 -4.01 -6.76
N GLU A 37 1.09 -3.68 -6.90
CA GLU A 37 1.69 -3.56 -8.21
C GLU A 37 2.91 -4.44 -8.35
N TYR A 38 2.96 -5.19 -9.42
CA TYR A 38 4.06 -6.08 -9.67
C TYR A 38 5.29 -5.36 -10.15
N HIS A 39 6.38 -5.60 -9.47
CA HIS A 39 7.65 -4.99 -9.74
C HIS A 39 8.71 -6.03 -9.55
N GLY A 40 9.58 -6.13 -10.52
CA GLY A 40 10.58 -7.16 -10.48
C GLY A 40 9.94 -8.49 -10.80
N ARG A 41 9.95 -9.39 -9.87
CA ARG A 41 9.34 -10.68 -10.06
C ARG A 41 8.23 -10.93 -9.05
N GLU A 42 8.01 -9.96 -8.19
CA GLU A 42 6.99 -10.12 -7.18
C GLU A 42 6.11 -8.89 -7.16
N VAL A 43 5.27 -8.79 -6.18
CA VAL A 43 4.38 -7.68 -6.09
C VAL A 43 4.70 -6.82 -4.89
N HIS A 44 4.64 -5.54 -5.08
CA HIS A 44 4.91 -4.60 -4.03
C HIS A 44 3.62 -3.90 -3.68
N CYS A 45 3.39 -3.73 -2.43
CA CYS A 45 2.23 -3.08 -1.94
C CYS A 45 2.61 -1.62 -1.69
N HIS A 46 2.10 -0.74 -2.53
CA HIS A 46 2.39 0.67 -2.43
C HIS A 46 1.40 1.35 -1.55
N CYS A 47 1.89 1.84 -0.45
CA CYS A 47 1.06 2.47 0.51
C CYS A 47 1.04 3.96 0.32
N TYR A 48 -0.09 4.45 -0.11
CA TYR A 48 -0.29 5.86 -0.33
C TYR A 48 -0.98 6.41 0.89
N GLY A 49 -0.48 7.50 1.38
CA GLY A 49 -1.05 8.04 2.58
C GLY A 49 -1.26 9.49 2.52
N ASP A 50 -1.71 10.02 3.63
CA ASP A 50 -1.98 11.43 3.78
C ASP A 50 -1.27 11.91 5.03
N TYR A 51 -0.35 12.83 4.87
CA TYR A 51 0.38 13.35 6.00
C TYR A 51 -0.52 14.32 6.73
N HIS A 52 -0.95 13.90 7.89
CA HIS A 52 -1.91 14.62 8.68
C HIS A 52 -1.56 14.36 10.14
N ALA A 1 -5.21 15.92 1.39
CA ALA A 1 -6.33 14.98 1.59
C ALA A 1 -6.28 13.80 0.61
N HIS A 2 -5.37 13.82 -0.34
CA HIS A 2 -5.30 12.74 -1.32
C HIS A 2 -4.48 11.58 -0.81
N CYS A 3 -4.82 10.39 -1.26
CA CYS A 3 -4.05 9.22 -0.95
C CYS A 3 -2.98 9.09 -2.01
N ASP A 4 -1.95 9.88 -1.86
CA ASP A 4 -0.90 9.99 -2.86
C ASP A 4 0.47 9.75 -2.27
N HIS A 5 0.64 10.13 -1.02
CA HIS A 5 1.93 10.03 -0.36
C HIS A 5 2.27 8.58 -0.09
N PHE A 6 3.43 8.18 -0.58
CA PHE A 6 3.96 6.85 -0.36
C PHE A 6 4.37 6.74 1.10
N LEU A 7 3.61 6.03 1.88
CA LEU A 7 3.94 5.82 3.27
C LEU A 7 5.02 4.76 3.37
N GLY A 8 4.98 3.85 2.45
CA GLY A 8 5.92 2.80 2.40
C GLY A 8 5.41 1.70 1.55
N GLU A 9 5.99 0.56 1.71
CA GLU A 9 5.63 -0.60 0.96
C GLU A 9 5.26 -1.74 1.90
N ALA A 10 4.09 -2.27 1.73
CA ALA A 10 3.61 -3.34 2.57
C ALA A 10 3.86 -4.67 1.88
N PRO A 11 4.30 -5.69 2.63
CA PRO A 11 4.49 -7.02 2.09
C PRO A 11 3.16 -7.74 1.95
N VAL A 12 2.67 -7.81 0.75
CA VAL A 12 1.39 -8.42 0.49
C VAL A 12 1.53 -9.42 -0.63
N TYR A 13 1.46 -10.68 -0.31
CA TYR A 13 1.43 -11.70 -1.30
C TYR A 13 0.38 -12.72 -0.91
N PRO A 14 -0.59 -13.00 -1.79
CA PRO A 14 -0.69 -12.34 -3.10
C PRO A 14 -1.24 -10.93 -2.94
N CYS A 15 -0.68 -10.02 -3.68
CA CYS A 15 -1.03 -8.64 -3.56
C CYS A 15 -2.29 -8.35 -4.33
N LYS A 16 -3.29 -7.91 -3.59
CA LYS A 16 -4.56 -7.53 -4.17
C LYS A 16 -4.94 -6.16 -3.64
N GLU A 17 -5.84 -5.51 -4.34
CA GLU A 17 -6.23 -4.13 -4.10
C GLU A 17 -6.78 -3.93 -2.66
N LYS A 18 -7.91 -4.55 -2.37
CA LYS A 18 -8.57 -4.40 -1.08
C LYS A 18 -7.71 -4.97 0.04
N ALA A 19 -7.03 -6.07 -0.25
CA ALA A 19 -6.15 -6.73 0.70
C ALA A 19 -5.00 -5.82 1.08
N CYS A 20 -4.41 -5.15 0.11
CA CYS A 20 -3.30 -4.29 0.41
C CYS A 20 -3.77 -3.07 1.20
N LYS A 21 -4.95 -2.54 0.84
CA LYS A 21 -5.55 -1.46 1.57
C LYS A 21 -5.72 -1.84 3.04
N SER A 22 -6.06 -3.10 3.26
CA SER A 22 -6.22 -3.65 4.58
C SER A 22 -4.84 -3.74 5.29
N VAL A 23 -3.88 -4.41 4.65
CA VAL A 23 -2.53 -4.61 5.19
C VAL A 23 -1.82 -3.27 5.47
N CYS A 24 -2.03 -2.32 4.60
CA CYS A 24 -1.47 -0.99 4.77
C CYS A 24 -1.96 -0.30 6.03
N LYS A 25 -3.18 -0.59 6.45
CA LYS A 25 -3.71 -0.01 7.68
C LYS A 25 -3.17 -0.74 8.89
N GLU A 26 -2.54 -1.86 8.66
CA GLU A 26 -1.99 -2.64 9.72
C GLU A 26 -0.52 -2.28 9.93
N HIS A 27 0.14 -1.93 8.85
CA HIS A 27 1.55 -1.54 8.91
C HIS A 27 1.72 -0.04 9.08
N TYR A 28 0.72 0.73 8.72
CA TYR A 28 0.77 2.18 8.78
C TYR A 28 -0.55 2.68 9.36
N HIS A 29 -0.63 3.96 9.64
CA HIS A 29 -1.85 4.52 10.21
C HIS A 29 -2.61 5.33 9.16
N HIS A 30 -1.88 6.17 8.44
CA HIS A 30 -2.47 7.11 7.45
C HIS A 30 -2.72 6.44 6.10
N ALA A 31 -2.78 5.14 6.07
CA ALA A 31 -2.92 4.45 4.81
C ALA A 31 -4.37 4.30 4.43
N CYS A 32 -4.70 4.73 3.26
CA CYS A 32 -6.06 4.65 2.76
C CYS A 32 -6.14 3.85 1.46
N LYS A 33 -5.06 3.86 0.70
CA LYS A 33 -5.02 3.15 -0.56
C LYS A 33 -3.77 2.30 -0.63
N GLY A 34 -3.91 1.06 -1.00
CA GLY A 34 -2.78 0.21 -1.23
C GLY A 34 -2.82 -0.24 -2.67
N GLU A 35 -1.74 -0.10 -3.39
CA GLU A 35 -1.74 -0.52 -4.78
C GLU A 35 -0.50 -1.32 -5.11
N CYS A 36 -0.71 -2.41 -5.78
CA CYS A 36 0.32 -3.37 -6.09
C CYS A 36 1.18 -2.89 -7.23
N GLU A 37 2.45 -2.90 -7.00
CA GLU A 37 3.44 -2.47 -7.95
C GLU A 37 4.05 -3.70 -8.60
N TYR A 38 3.60 -4.01 -9.78
CA TYR A 38 4.07 -5.17 -10.48
C TYR A 38 5.24 -4.82 -11.37
N HIS A 39 6.41 -5.20 -10.94
CA HIS A 39 7.62 -4.99 -11.72
C HIS A 39 8.55 -6.15 -11.45
N GLY A 40 8.76 -6.96 -12.46
CA GLY A 40 9.62 -8.10 -12.33
C GLY A 40 8.85 -9.33 -11.92
N ARG A 41 9.40 -10.09 -11.03
CA ARG A 41 8.76 -11.31 -10.55
C ARG A 41 8.05 -11.04 -9.23
N GLU A 42 8.60 -10.13 -8.46
CA GLU A 42 8.03 -9.76 -7.18
C GLU A 42 6.95 -8.73 -7.35
N VAL A 43 6.32 -8.37 -6.27
CA VAL A 43 5.33 -7.35 -6.26
C VAL A 43 5.37 -6.61 -4.93
N HIS A 44 5.61 -5.34 -5.00
CA HIS A 44 5.60 -4.50 -3.84
C HIS A 44 4.24 -3.87 -3.78
N CYS A 45 3.84 -3.38 -2.66
CA CYS A 45 2.59 -2.70 -2.62
C CYS A 45 2.77 -1.41 -1.88
N HIS A 46 2.46 -0.33 -2.52
CA HIS A 46 2.62 0.95 -1.89
C HIS A 46 1.39 1.36 -1.16
N CYS A 47 1.61 1.83 0.02
CA CYS A 47 0.58 2.32 0.85
C CYS A 47 0.52 3.82 0.70
N TYR A 48 -0.53 4.27 0.10
CA TYR A 48 -0.73 5.65 -0.18
C TYR A 48 -1.64 6.25 0.85
N GLY A 49 -1.35 7.46 1.23
CA GLY A 49 -2.18 8.16 2.14
C GLY A 49 -1.86 9.63 2.12
N ASP A 50 -2.29 10.32 3.12
CA ASP A 50 -1.96 11.73 3.28
C ASP A 50 -1.28 11.81 4.62
N TYR A 51 -0.02 12.12 4.61
CA TYR A 51 0.75 12.00 5.81
C TYR A 51 1.07 13.37 6.35
N HIS A 52 1.51 13.44 7.56
CA HIS A 52 1.86 14.68 8.16
C HIS A 52 3.36 14.84 7.99
N ALA A 1 -7.41 15.07 2.77
CA ALA A 1 -6.10 14.88 2.18
C ALA A 1 -6.19 13.76 1.18
N HIS A 2 -5.31 13.75 0.21
CA HIS A 2 -5.36 12.76 -0.82
C HIS A 2 -4.31 11.72 -0.54
N CYS A 3 -4.61 10.49 -0.84
CA CYS A 3 -3.64 9.45 -0.70
C CYS A 3 -2.77 9.40 -1.94
N ASP A 4 -1.94 10.41 -2.03
CA ASP A 4 -1.05 10.62 -3.16
C ASP A 4 0.37 10.28 -2.79
N HIS A 5 0.68 10.43 -1.51
CA HIS A 5 2.02 10.24 -1.03
C HIS A 5 2.28 8.78 -0.72
N PHE A 6 3.27 8.23 -1.37
CA PHE A 6 3.73 6.89 -1.10
C PHE A 6 4.36 6.88 0.30
N LEU A 7 3.72 6.19 1.20
CA LEU A 7 4.14 6.15 2.59
C LEU A 7 5.08 5.01 2.83
N GLY A 8 4.92 3.96 2.06
CA GLY A 8 5.77 2.83 2.23
C GLY A 8 5.31 1.67 1.43
N GLU A 9 6.09 0.62 1.47
CA GLU A 9 5.84 -0.56 0.72
C GLU A 9 5.61 -1.72 1.67
N ALA A 10 4.49 -2.35 1.57
CA ALA A 10 4.16 -3.47 2.39
C ALA A 10 4.18 -4.74 1.55
N PRO A 11 4.81 -5.80 2.02
CA PRO A 11 4.86 -7.07 1.32
C PRO A 11 3.52 -7.82 1.42
N VAL A 12 2.85 -7.97 0.31
CA VAL A 12 1.55 -8.64 0.27
C VAL A 12 1.54 -9.63 -0.86
N TYR A 13 1.44 -10.89 -0.52
CA TYR A 13 1.43 -11.94 -1.51
C TYR A 13 0.40 -13.01 -1.12
N PRO A 14 -0.57 -13.33 -2.02
CA PRO A 14 -0.69 -12.74 -3.36
C PRO A 14 -1.37 -11.37 -3.33
N CYS A 15 -1.54 -10.77 -4.47
CA CYS A 15 -2.15 -9.48 -4.56
C CYS A 15 -3.66 -9.57 -4.62
N LYS A 16 -4.28 -8.75 -3.83
CA LYS A 16 -5.67 -8.53 -3.87
C LYS A 16 -5.81 -7.11 -3.42
N GLU A 17 -6.57 -6.33 -4.14
CA GLU A 17 -6.72 -4.92 -3.85
C GLU A 17 -7.11 -4.58 -2.40
N LYS A 18 -8.04 -5.35 -1.84
CA LYS A 18 -8.46 -5.13 -0.45
C LYS A 18 -7.41 -5.60 0.53
N ALA A 19 -6.71 -6.67 0.19
CA ALA A 19 -5.65 -7.20 1.04
C ALA A 19 -4.55 -6.17 1.16
N CYS A 20 -4.21 -5.62 0.02
CA CYS A 20 -3.20 -4.60 -0.13
C CYS A 20 -3.56 -3.39 0.78
N LYS A 21 -4.79 -2.91 0.62
CA LYS A 21 -5.29 -1.77 1.39
C LYS A 21 -5.32 -2.10 2.91
N SER A 22 -5.77 -3.30 3.24
CA SER A 22 -5.87 -3.75 4.62
C SER A 22 -4.48 -3.75 5.28
N VAL A 23 -3.50 -4.31 4.59
CA VAL A 23 -2.14 -4.40 5.11
C VAL A 23 -1.51 -3.00 5.22
N CYS A 24 -1.77 -2.16 4.23
CA CYS A 24 -1.31 -0.78 4.27
C CYS A 24 -1.81 -0.05 5.49
N LYS A 25 -3.04 -0.31 5.89
CA LYS A 25 -3.59 0.32 7.08
C LYS A 25 -3.04 -0.29 8.36
N GLU A 26 -2.42 -1.46 8.26
CA GLU A 26 -1.79 -2.07 9.40
C GLU A 26 -0.43 -1.46 9.60
N HIS A 27 0.23 -1.17 8.50
CA HIS A 27 1.53 -0.52 8.55
C HIS A 27 1.38 0.96 8.83
N TYR A 28 0.53 1.61 8.08
CA TYR A 28 0.35 3.04 8.20
C TYR A 28 -1.13 3.36 8.32
N HIS A 29 -1.52 3.94 9.44
CA HIS A 29 -2.93 4.30 9.63
C HIS A 29 -3.26 5.60 8.88
N HIS A 30 -2.27 6.12 8.21
CA HIS A 30 -2.38 7.32 7.41
C HIS A 30 -2.61 6.94 5.95
N ALA A 31 -2.63 5.65 5.68
CA ALA A 31 -2.80 5.16 4.33
C ALA A 31 -4.24 4.77 4.10
N CYS A 32 -4.84 5.28 3.06
CA CYS A 32 -6.19 4.89 2.73
C CYS A 32 -6.18 4.03 1.48
N LYS A 33 -5.11 4.16 0.73
CA LYS A 33 -5.01 3.54 -0.56
C LYS A 33 -3.80 2.62 -0.59
N GLY A 34 -4.00 1.46 -1.15
CA GLY A 34 -2.94 0.50 -1.28
C GLY A 34 -3.03 -0.14 -2.63
N GLU A 35 -1.96 -0.04 -3.40
CA GLU A 35 -1.95 -0.57 -4.74
C GLU A 35 -0.81 -1.55 -4.93
N CYS A 36 -1.11 -2.68 -5.53
CA CYS A 36 -0.11 -3.67 -5.83
C CYS A 36 0.74 -3.19 -6.96
N GLU A 37 2.02 -3.34 -6.81
CA GLU A 37 2.95 -2.95 -7.83
C GLU A 37 3.86 -4.09 -8.17
N TYR A 38 3.67 -4.59 -9.34
CA TYR A 38 4.50 -5.62 -9.89
C TYR A 38 5.78 -4.99 -10.37
N HIS A 39 6.84 -5.24 -9.67
CA HIS A 39 8.09 -4.67 -10.01
C HIS A 39 9.07 -5.79 -10.32
N GLY A 40 9.22 -6.06 -11.60
CA GLY A 40 10.10 -7.10 -12.05
C GLY A 40 9.49 -8.45 -11.84
N ARG A 41 9.73 -9.02 -10.70
CA ARG A 41 9.20 -10.30 -10.34
C ARG A 41 8.45 -10.20 -9.00
N GLU A 42 8.72 -9.15 -8.26
CA GLU A 42 8.15 -9.01 -6.95
C GLU A 42 7.02 -8.01 -6.92
N VAL A 43 5.86 -8.46 -6.48
CA VAL A 43 4.75 -7.58 -6.31
C VAL A 43 4.61 -7.20 -4.84
N HIS A 44 4.66 -5.94 -4.59
CA HIS A 44 4.51 -5.42 -3.26
C HIS A 44 3.40 -4.42 -3.24
N CYS A 45 2.89 -4.14 -2.10
CA CYS A 45 1.79 -3.22 -1.97
C CYS A 45 2.34 -1.85 -1.63
N HIS A 46 2.02 -0.90 -2.45
CA HIS A 46 2.44 0.46 -2.22
C HIS A 46 1.34 1.20 -1.50
N CYS A 47 1.68 1.65 -0.34
CA CYS A 47 0.75 2.32 0.53
C CYS A 47 0.77 3.82 0.28
N TYR A 48 -0.39 4.39 0.03
CA TYR A 48 -0.50 5.80 -0.24
C TYR A 48 -1.36 6.46 0.81
N GLY A 49 -0.98 7.64 1.21
CA GLY A 49 -1.72 8.39 2.18
C GLY A 49 -1.16 9.77 2.35
N ASP A 50 -1.29 10.30 3.52
CA ASP A 50 -0.77 11.62 3.86
C ASP A 50 -0.19 11.60 5.26
N TYR A 51 1.06 11.93 5.37
CA TYR A 51 1.75 11.91 6.63
C TYR A 51 1.82 13.30 7.20
N HIS A 52 1.91 13.37 8.47
CA HIS A 52 1.97 14.62 9.16
C HIS A 52 3.32 14.69 9.84
N ALA A 1 -6.06 12.75 5.45
CA ALA A 1 -6.39 13.42 4.20
C ALA A 1 -6.61 12.37 3.13
N HIS A 2 -6.85 12.81 1.92
CA HIS A 2 -7.03 11.89 0.80
C HIS A 2 -5.69 11.32 0.41
N CYS A 3 -5.53 10.05 0.62
CA CYS A 3 -4.30 9.33 0.39
C CYS A 3 -3.83 9.46 -1.06
N ASP A 4 -2.62 9.96 -1.20
CA ASP A 4 -1.98 10.14 -2.51
C ASP A 4 -0.48 10.08 -2.39
N HIS A 5 0.04 10.57 -1.28
CA HIS A 5 1.46 10.56 -1.06
C HIS A 5 1.92 9.17 -0.72
N PHE A 6 2.86 8.70 -1.50
CA PHE A 6 3.45 7.39 -1.32
C PHE A 6 4.19 7.34 0.01
N LEU A 7 3.77 6.45 0.85
CA LEU A 7 4.34 6.33 2.16
C LEU A 7 5.39 5.23 2.17
N GLY A 8 5.00 4.06 1.77
CA GLY A 8 5.91 2.96 1.81
C GLY A 8 5.43 1.81 0.99
N GLU A 9 6.13 0.72 1.10
CA GLU A 9 5.87 -0.46 0.31
C GLU A 9 5.52 -1.61 1.21
N ALA A 10 4.47 -2.28 0.91
CA ALA A 10 4.05 -3.42 1.67
C ALA A 10 4.16 -4.68 0.83
N PRO A 11 4.64 -5.78 1.43
CA PRO A 11 4.69 -7.06 0.76
C PRO A 11 3.31 -7.75 0.81
N VAL A 12 2.52 -7.56 -0.22
CA VAL A 12 1.18 -8.12 -0.24
C VAL A 12 1.04 -9.13 -1.35
N TYR A 13 1.09 -10.39 -0.99
CA TYR A 13 0.93 -11.46 -1.95
C TYR A 13 0.20 -12.60 -1.27
N PRO A 14 -0.82 -13.21 -1.92
CA PRO A 14 -1.27 -12.84 -3.27
C PRO A 14 -1.88 -11.44 -3.31
N CYS A 15 -1.78 -10.79 -4.42
CA CYS A 15 -2.21 -9.44 -4.56
C CYS A 15 -3.69 -9.27 -4.77
N LYS A 16 -4.31 -8.70 -3.79
CA LYS A 16 -5.68 -8.29 -3.86
C LYS A 16 -5.73 -6.86 -3.49
N GLU A 17 -6.63 -6.14 -4.10
CA GLU A 17 -6.82 -4.73 -3.82
C GLU A 17 -7.38 -4.60 -2.42
N LYS A 18 -8.31 -5.51 -2.10
CA LYS A 18 -8.91 -5.61 -0.79
C LYS A 18 -7.84 -5.84 0.26
N ALA A 19 -6.84 -6.62 -0.10
CA ALA A 19 -5.74 -6.90 0.78
C ALA A 19 -4.90 -5.65 0.95
N CYS A 20 -4.40 -5.11 -0.15
CA CYS A 20 -3.56 -3.90 -0.12
C CYS A 20 -4.20 -2.73 0.63
N LYS A 21 -5.46 -2.46 0.33
CA LYS A 21 -6.15 -1.33 0.93
C LYS A 21 -6.32 -1.54 2.46
N SER A 22 -6.26 -2.80 2.89
CA SER A 22 -6.32 -3.13 4.30
C SER A 22 -4.92 -3.13 4.89
N VAL A 23 -4.03 -3.92 4.28
CA VAL A 23 -2.65 -4.13 4.74
C VAL A 23 -1.88 -2.81 4.87
N CYS A 24 -2.11 -1.90 3.95
CA CYS A 24 -1.48 -0.60 4.01
C CYS A 24 -1.91 0.19 5.25
N LYS A 25 -3.12 -0.04 5.75
CA LYS A 25 -3.60 0.65 6.96
C LYS A 25 -3.00 -0.01 8.19
N GLU A 26 -2.60 -1.24 8.02
CA GLU A 26 -2.02 -2.03 9.07
C GLU A 26 -0.54 -1.67 9.24
N HIS A 27 0.12 -1.46 8.12
CA HIS A 27 1.51 -1.02 8.13
C HIS A 27 1.61 0.45 8.48
N TYR A 28 0.79 1.25 7.84
CA TYR A 28 0.82 2.67 8.04
C TYR A 28 -0.56 3.15 8.42
N HIS A 29 -0.68 3.71 9.60
CA HIS A 29 -1.97 4.22 10.05
C HIS A 29 -2.37 5.48 9.27
N HIS A 30 -1.42 6.05 8.57
CA HIS A 30 -1.68 7.21 7.71
C HIS A 30 -2.04 6.80 6.29
N ALA A 31 -2.02 5.50 6.01
CA ALA A 31 -2.33 5.01 4.68
C ALA A 31 -3.75 4.52 4.61
N CYS A 32 -4.41 4.78 3.52
CA CYS A 32 -5.78 4.31 3.33
C CYS A 32 -5.97 3.75 1.90
N LYS A 33 -4.95 3.89 1.08
CA LYS A 33 -5.01 3.49 -0.31
C LYS A 33 -3.78 2.66 -0.60
N GLY A 34 -3.96 1.51 -1.18
CA GLY A 34 -2.84 0.65 -1.45
C GLY A 34 -3.08 -0.17 -2.68
N GLU A 35 -2.07 -0.29 -3.50
CA GLU A 35 -2.18 -1.02 -4.74
C GLU A 35 -0.85 -1.64 -5.15
N CYS A 36 -0.92 -2.80 -5.76
CA CYS A 36 0.26 -3.58 -6.09
C CYS A 36 0.95 -3.07 -7.35
N GLU A 37 2.23 -3.31 -7.38
CA GLU A 37 3.08 -3.11 -8.49
C GLU A 37 3.94 -4.34 -8.69
N TYR A 38 3.64 -5.09 -9.72
CA TYR A 38 4.40 -6.28 -10.06
C TYR A 38 5.61 -5.92 -10.87
N HIS A 39 6.73 -5.94 -10.23
CA HIS A 39 7.99 -5.66 -10.85
C HIS A 39 9.09 -6.44 -10.16
N GLY A 40 9.65 -7.37 -10.87
CA GLY A 40 10.70 -8.19 -10.32
C GLY A 40 10.13 -9.47 -9.78
N ARG A 41 10.80 -10.09 -8.83
CA ARG A 41 10.29 -11.31 -8.26
C ARG A 41 9.21 -10.96 -7.24
N GLU A 42 9.44 -9.89 -6.53
CA GLU A 42 8.57 -9.49 -5.45
C GLU A 42 7.52 -8.52 -5.95
N VAL A 43 6.40 -8.49 -5.28
CA VAL A 43 5.38 -7.55 -5.61
C VAL A 43 5.42 -6.41 -4.60
N HIS A 44 5.43 -5.21 -5.07
CA HIS A 44 5.50 -4.08 -4.19
C HIS A 44 4.16 -3.40 -4.14
N CYS A 45 3.56 -3.40 -3.01
CA CYS A 45 2.31 -2.73 -2.86
C CYS A 45 2.57 -1.34 -2.36
N HIS A 46 2.13 -0.37 -3.12
CA HIS A 46 2.33 1.00 -2.81
C HIS A 46 1.25 1.48 -1.91
N CYS A 47 1.66 1.88 -0.75
CA CYS A 47 0.76 2.40 0.24
C CYS A 47 0.76 3.91 0.20
N TYR A 48 -0.38 4.45 -0.11
CA TYR A 48 -0.54 5.88 -0.23
C TYR A 48 -1.30 6.39 0.97
N GLY A 49 -0.92 7.56 1.40
CA GLY A 49 -1.56 8.20 2.50
C GLY A 49 -1.24 9.66 2.51
N ASP A 50 -1.15 10.23 3.68
CA ASP A 50 -0.74 11.58 3.84
C ASP A 50 0.15 11.65 5.05
N TYR A 51 1.24 12.33 4.93
CA TYR A 51 2.20 12.43 6.00
C TYR A 51 2.66 13.86 6.09
N HIS A 52 2.35 14.48 7.17
CA HIS A 52 2.73 15.87 7.36
C HIS A 52 3.57 15.97 8.60
N ALA A 1 -5.74 12.48 3.91
CA ALA A 1 -6.77 12.99 3.01
C ALA A 1 -6.45 12.62 1.58
N HIS A 2 -5.38 13.19 1.05
CA HIS A 2 -4.98 12.92 -0.32
C HIS A 2 -4.11 11.69 -0.40
N CYS A 3 -4.46 10.82 -1.29
CA CYS A 3 -3.73 9.60 -1.47
C CYS A 3 -2.83 9.74 -2.67
N ASP A 4 -1.69 10.33 -2.46
CA ASP A 4 -0.75 10.55 -3.55
C ASP A 4 0.58 9.88 -3.29
N HIS A 5 1.16 10.13 -2.14
CA HIS A 5 2.46 9.60 -1.85
C HIS A 5 2.48 8.27 -1.16
N PHE A 6 3.52 7.55 -1.46
CA PHE A 6 3.77 6.23 -0.97
C PHE A 6 4.37 6.34 0.41
N LEU A 7 3.67 5.86 1.39
CA LEU A 7 4.16 5.86 2.76
C LEU A 7 5.15 4.73 2.93
N GLY A 8 4.91 3.69 2.16
CA GLY A 8 5.74 2.55 2.17
C GLY A 8 5.06 1.45 1.44
N GLU A 9 5.69 0.33 1.35
CA GLU A 9 5.12 -0.83 0.72
C GLU A 9 4.59 -1.75 1.81
N ALA A 10 3.69 -2.60 1.46
CA ALA A 10 3.19 -3.58 2.37
C ALA A 10 3.43 -4.96 1.78
N PRO A 11 4.09 -5.82 2.55
CA PRO A 11 4.46 -7.14 2.09
C PRO A 11 3.30 -8.15 2.06
N VAL A 12 2.70 -8.29 0.91
CA VAL A 12 1.67 -9.27 0.67
C VAL A 12 1.91 -9.92 -0.68
N TYR A 13 2.16 -11.20 -0.68
CA TYR A 13 2.37 -11.94 -1.89
C TYR A 13 2.00 -13.40 -1.62
N PRO A 14 1.12 -14.01 -2.45
CA PRO A 14 0.50 -13.35 -3.60
C PRO A 14 -0.44 -12.20 -3.19
N CYS A 15 -0.27 -11.10 -3.85
CA CYS A 15 -0.93 -9.86 -3.56
C CYS A 15 -2.34 -9.81 -4.13
N LYS A 16 -3.25 -9.26 -3.34
CA LYS A 16 -4.63 -9.03 -3.72
C LYS A 16 -5.01 -7.62 -3.36
N GLU A 17 -5.94 -7.05 -4.11
CA GLU A 17 -6.34 -5.65 -3.91
C GLU A 17 -6.96 -5.35 -2.55
N LYS A 18 -7.96 -6.14 -2.12
CA LYS A 18 -8.58 -5.90 -0.81
C LYS A 18 -7.58 -6.13 0.30
N ALA A 19 -6.78 -7.18 0.16
CA ALA A 19 -5.74 -7.51 1.13
C ALA A 19 -4.76 -6.36 1.25
N CYS A 20 -4.41 -5.80 0.11
CA CYS A 20 -3.49 -4.70 -0.01
C CYS A 20 -3.98 -3.47 0.78
N LYS A 21 -5.20 -3.02 0.49
CA LYS A 21 -5.70 -1.83 1.17
C LYS A 21 -5.92 -2.08 2.67
N SER A 22 -6.12 -3.35 3.01
CA SER A 22 -6.27 -3.75 4.38
C SER A 22 -4.92 -3.58 5.09
N VAL A 23 -3.92 -4.30 4.61
CA VAL A 23 -2.59 -4.33 5.21
C VAL A 23 -1.95 -2.95 5.27
N CYS A 24 -2.21 -2.12 4.25
CA CYS A 24 -1.71 -0.76 4.22
C CYS A 24 -2.17 0.07 5.39
N LYS A 25 -3.44 -0.01 5.72
CA LYS A 25 -3.97 0.79 6.80
C LYS A 25 -3.71 0.16 8.16
N GLU A 26 -3.25 -1.07 8.14
CA GLU A 26 -2.87 -1.76 9.36
C GLU A 26 -1.43 -1.41 9.72
N HIS A 27 -0.58 -1.37 8.71
CA HIS A 27 0.83 -1.02 8.90
C HIS A 27 1.01 0.49 8.97
N TYR A 28 0.36 1.20 8.08
CA TYR A 28 0.51 2.63 7.99
C TYR A 28 -0.82 3.28 8.29
N HIS A 29 -0.92 3.89 9.44
CA HIS A 29 -2.18 4.48 9.91
C HIS A 29 -2.51 5.77 9.15
N HIS A 30 -1.56 6.25 8.40
CA HIS A 30 -1.74 7.48 7.62
C HIS A 30 -2.21 7.14 6.20
N ALA A 31 -2.32 5.84 5.93
CA ALA A 31 -2.68 5.38 4.60
C ALA A 31 -4.16 5.47 4.37
N CYS A 32 -4.52 5.85 3.20
CA CYS A 32 -5.89 5.93 2.81
C CYS A 32 -6.17 4.93 1.68
N LYS A 33 -5.17 4.68 0.85
CA LYS A 33 -5.28 3.68 -0.20
C LYS A 33 -4.15 2.71 -0.13
N GLY A 34 -4.35 1.60 -0.76
CA GLY A 34 -3.36 0.58 -0.88
C GLY A 34 -3.60 -0.13 -2.15
N GLU A 35 -2.71 0.04 -3.10
CA GLU A 35 -2.89 -0.55 -4.40
C GLU A 35 -1.69 -1.38 -4.74
N CYS A 36 -1.94 -2.47 -5.40
CA CYS A 36 -0.90 -3.42 -5.70
C CYS A 36 -0.26 -3.03 -7.02
N GLU A 37 1.06 -2.92 -7.02
CA GLU A 37 1.80 -2.49 -8.19
C GLU A 37 3.06 -3.31 -8.31
N TYR A 38 3.64 -3.32 -9.48
CA TYR A 38 4.88 -4.02 -9.68
C TYR A 38 5.99 -3.29 -8.98
N HIS A 39 6.67 -3.99 -8.14
CA HIS A 39 7.77 -3.45 -7.42
C HIS A 39 8.96 -4.33 -7.73
N GLY A 40 9.66 -3.96 -8.77
CA GLY A 40 10.75 -4.76 -9.25
C GLY A 40 10.23 -5.93 -10.06
N ARG A 41 10.31 -7.10 -9.49
CA ARG A 41 9.80 -8.30 -10.13
C ARG A 41 8.48 -8.68 -9.49
N GLU A 42 8.46 -8.64 -8.18
CA GLU A 42 7.27 -8.97 -7.42
C GLU A 42 6.26 -7.87 -7.53
N VAL A 43 5.04 -8.20 -7.29
CA VAL A 43 4.01 -7.23 -7.25
C VAL A 43 3.69 -6.99 -5.78
N HIS A 44 3.80 -5.78 -5.35
CA HIS A 44 3.65 -5.46 -3.96
C HIS A 44 2.64 -4.40 -3.74
N CYS A 45 2.19 -4.35 -2.55
CA CYS A 45 1.19 -3.44 -2.15
C CYS A 45 1.82 -2.10 -1.81
N HIS A 46 1.35 -1.04 -2.41
CA HIS A 46 1.84 0.28 -2.13
C HIS A 46 0.80 1.08 -1.41
N CYS A 47 1.20 1.61 -0.29
CA CYS A 47 0.32 2.34 0.58
C CYS A 47 0.40 3.82 0.32
N TYR A 48 -0.70 4.40 -0.09
CA TYR A 48 -0.76 5.82 -0.35
C TYR A 48 -1.44 6.51 0.78
N GLY A 49 -0.95 7.65 1.16
CA GLY A 49 -1.55 8.39 2.21
C GLY A 49 -0.90 9.71 2.38
N ASP A 50 -1.14 10.33 3.50
CA ASP A 50 -0.57 11.62 3.83
C ASP A 50 0.85 11.42 4.30
N TYR A 51 1.79 11.91 3.54
CA TYR A 51 3.16 11.68 3.81
C TYR A 51 3.67 12.73 4.78
N HIS A 52 4.48 12.30 5.69
CA HIS A 52 5.06 13.16 6.69
C HIS A 52 6.56 13.27 6.42
N ALA A 1 -10.67 10.00 1.56
CA ALA A 1 -9.26 10.30 1.73
C ALA A 1 -8.54 10.14 0.40
N HIS A 2 -7.77 11.13 0.02
CA HIS A 2 -7.03 11.10 -1.23
C HIS A 2 -5.55 11.20 -0.94
N CYS A 3 -4.79 10.23 -1.37
CA CYS A 3 -3.38 10.20 -1.08
C CYS A 3 -2.61 9.81 -2.33
N ASP A 4 -1.58 10.55 -2.65
CA ASP A 4 -0.73 10.24 -3.78
C ASP A 4 0.68 9.93 -3.30
N HIS A 5 0.97 10.33 -2.08
CA HIS A 5 2.29 10.21 -1.52
C HIS A 5 2.50 8.80 -0.98
N PHE A 6 3.58 8.19 -1.37
CA PHE A 6 3.92 6.85 -0.95
C PHE A 6 4.52 6.88 0.45
N LEU A 7 4.03 6.04 1.31
CA LEU A 7 4.54 5.94 2.65
C LEU A 7 5.56 4.83 2.73
N GLY A 8 5.23 3.73 2.13
CA GLY A 8 6.06 2.59 2.15
C GLY A 8 5.38 1.47 1.44
N GLU A 9 5.96 0.32 1.46
CA GLU A 9 5.40 -0.81 0.77
C GLU A 9 5.19 -1.97 1.73
N ALA A 10 4.41 -2.93 1.30
CA ALA A 10 4.15 -4.12 2.06
C ALA A 10 4.18 -5.35 1.12
N PRO A 11 4.74 -6.47 1.60
CA PRO A 11 4.85 -7.71 0.80
C PRO A 11 3.58 -8.58 0.86
N VAL A 12 2.83 -8.64 -0.23
CA VAL A 12 1.62 -9.43 -0.31
C VAL A 12 1.50 -10.08 -1.70
N TYR A 13 1.36 -11.38 -1.74
CA TYR A 13 1.19 -12.08 -3.00
C TYR A 13 0.49 -13.41 -2.76
N PRO A 14 -0.57 -13.71 -3.55
CA PRO A 14 -1.13 -12.80 -4.54
C PRO A 14 -1.81 -11.60 -3.88
N CYS A 15 -1.78 -10.49 -4.52
CA CYS A 15 -2.29 -9.29 -3.94
C CYS A 15 -3.75 -9.09 -4.23
N LYS A 16 -4.48 -8.78 -3.20
CA LYS A 16 -5.86 -8.39 -3.33
C LYS A 16 -5.88 -6.95 -3.00
N GLU A 17 -6.51 -6.16 -3.81
CA GLU A 17 -6.55 -4.72 -3.58
C GLU A 17 -7.16 -4.31 -2.23
N LYS A 18 -8.26 -4.93 -1.84
CA LYS A 18 -8.85 -4.71 -0.52
C LYS A 18 -7.86 -5.11 0.58
N ALA A 19 -7.20 -6.24 0.37
CA ALA A 19 -6.20 -6.76 1.30
C ALA A 19 -5.05 -5.80 1.42
N CYS A 20 -4.52 -5.35 0.28
CA CYS A 20 -3.42 -4.39 0.22
C CYS A 20 -3.77 -3.13 1.01
N LYS A 21 -4.98 -2.63 0.80
CA LYS A 21 -5.47 -1.47 1.50
C LYS A 21 -5.55 -1.72 3.02
N SER A 22 -5.99 -2.91 3.40
CA SER A 22 -6.07 -3.30 4.80
C SER A 22 -4.66 -3.41 5.37
N VAL A 23 -3.78 -4.10 4.65
CA VAL A 23 -2.39 -4.27 5.06
C VAL A 23 -1.72 -2.92 5.24
N CYS A 24 -1.98 -2.01 4.32
CA CYS A 24 -1.52 -0.65 4.45
C CYS A 24 -2.06 0.00 5.71
N LYS A 25 -3.36 -0.14 5.98
CA LYS A 25 -3.99 0.42 7.18
C LYS A 25 -3.43 -0.18 8.47
N GLU A 26 -2.87 -1.36 8.38
CA GLU A 26 -2.33 -2.05 9.53
C GLU A 26 -0.82 -1.81 9.69
N HIS A 27 -0.11 -1.63 8.59
CA HIS A 27 1.33 -1.34 8.65
C HIS A 27 1.57 0.16 8.82
N TYR A 28 0.96 0.94 7.96
CA TYR A 28 1.15 2.38 7.92
C TYR A 28 -0.17 3.04 8.21
N HIS A 29 -0.35 3.51 9.40
CA HIS A 29 -1.64 4.02 9.84
C HIS A 29 -1.96 5.39 9.25
N HIS A 30 -1.01 5.95 8.53
CA HIS A 30 -1.20 7.22 7.86
C HIS A 30 -1.67 6.98 6.42
N ALA A 31 -1.75 5.70 6.04
CA ALA A 31 -2.13 5.32 4.68
C ALA A 31 -3.62 5.33 4.52
N CYS A 32 -4.07 5.72 3.36
CA CYS A 32 -5.49 5.75 3.10
C CYS A 32 -5.81 4.80 1.93
N LYS A 33 -4.79 4.50 1.13
CA LYS A 33 -4.94 3.64 -0.03
C LYS A 33 -3.76 2.70 -0.12
N GLY A 34 -3.93 1.68 -0.90
CA GLY A 34 -2.89 0.72 -1.14
C GLY A 34 -3.09 0.10 -2.48
N GLU A 35 -2.04 0.00 -3.25
CA GLU A 35 -2.12 -0.59 -4.56
C GLU A 35 -0.86 -1.37 -4.83
N CYS A 36 -1.00 -2.57 -5.28
CA CYS A 36 0.12 -3.38 -5.60
C CYS A 36 0.58 -3.08 -7.00
N GLU A 37 1.77 -2.54 -7.09
CA GLU A 37 2.34 -2.16 -8.35
C GLU A 37 3.55 -3.04 -8.63
N TYR A 38 3.87 -3.22 -9.87
CA TYR A 38 4.94 -4.10 -10.25
C TYR A 38 6.28 -3.42 -10.18
N HIS A 39 6.98 -3.67 -9.12
CA HIS A 39 8.30 -3.21 -8.92
C HIS A 39 9.02 -4.21 -8.06
N GLY A 40 9.84 -5.01 -8.69
CA GLY A 40 10.55 -6.03 -7.97
C GLY A 40 10.22 -7.36 -8.55
N ARG A 41 10.30 -8.38 -7.75
CA ARG A 41 10.04 -9.70 -8.24
C ARG A 41 8.56 -10.01 -8.13
N GLU A 42 8.00 -9.68 -7.02
CA GLU A 42 6.59 -9.88 -6.78
C GLU A 42 5.96 -8.52 -6.76
N VAL A 43 4.68 -8.47 -6.99
CA VAL A 43 3.98 -7.20 -6.99
C VAL A 43 3.91 -6.70 -5.53
N HIS A 44 4.34 -5.48 -5.29
CA HIS A 44 4.37 -4.97 -3.94
C HIS A 44 3.29 -3.97 -3.67
N CYS A 45 2.73 -4.05 -2.50
CA CYS A 45 1.64 -3.20 -2.06
C CYS A 45 2.20 -1.86 -1.66
N HIS A 46 1.95 -0.86 -2.45
CA HIS A 46 2.42 0.46 -2.16
C HIS A 46 1.35 1.21 -1.42
N CYS A 47 1.71 1.69 -0.27
CA CYS A 47 0.79 2.35 0.61
C CYS A 47 0.86 3.85 0.41
N TYR A 48 -0.27 4.43 0.07
CA TYR A 48 -0.37 5.85 -0.17
C TYR A 48 -1.01 6.46 1.05
N GLY A 49 -0.44 7.51 1.57
CA GLY A 49 -0.98 8.09 2.74
C GLY A 49 -0.68 9.54 2.88
N ASP A 50 -1.16 10.11 3.95
CA ASP A 50 -0.96 11.50 4.23
C ASP A 50 0.30 11.66 5.05
N TYR A 51 1.33 12.16 4.43
CA TYR A 51 2.61 12.27 5.06
C TYR A 51 3.05 13.72 5.08
N HIS A 52 3.58 14.13 6.22
CA HIS A 52 4.12 15.46 6.39
C HIS A 52 5.38 15.34 7.23
N ALA A 1 -10.25 10.47 0.79
CA ALA A 1 -9.18 11.28 0.24
C ALA A 1 -8.37 10.44 -0.71
N HIS A 2 -7.81 11.04 -1.74
CA HIS A 2 -6.97 10.32 -2.66
C HIS A 2 -5.57 10.35 -2.11
N CYS A 3 -5.04 9.20 -1.87
CA CYS A 3 -3.74 9.08 -1.27
C CYS A 3 -2.67 8.98 -2.35
N ASP A 4 -1.73 9.90 -2.36
CA ASP A 4 -0.67 9.91 -3.37
C ASP A 4 0.71 9.64 -2.77
N HIS A 5 0.89 10.05 -1.52
CA HIS A 5 2.19 9.91 -0.84
C HIS A 5 2.51 8.48 -0.55
N PHE A 6 3.58 8.00 -1.12
CA PHE A 6 4.08 6.70 -0.83
C PHE A 6 4.71 6.74 0.56
N LEU A 7 4.12 6.04 1.47
CA LEU A 7 4.58 6.04 2.84
C LEU A 7 5.55 4.91 3.09
N GLY A 8 5.26 3.80 2.50
CA GLY A 8 6.05 2.63 2.68
C GLY A 8 5.40 1.52 1.94
N GLU A 9 6.01 0.38 1.89
CA GLU A 9 5.41 -0.75 1.25
C GLU A 9 4.95 -1.73 2.31
N ALA A 10 4.10 -2.65 1.95
CA ALA A 10 3.61 -3.65 2.86
C ALA A 10 3.69 -5.02 2.23
N PRO A 11 4.00 -6.06 3.00
CA PRO A 11 4.00 -7.43 2.51
C PRO A 11 2.59 -8.02 2.44
N VAL A 12 2.11 -8.27 1.24
CA VAL A 12 0.77 -8.83 1.03
C VAL A 12 0.85 -9.90 -0.05
N TYR A 13 0.42 -11.09 0.26
CA TYR A 13 0.35 -12.14 -0.73
C TYR A 13 -0.79 -13.10 -0.37
N PRO A 14 -1.72 -13.38 -1.32
CA PRO A 14 -1.72 -12.77 -2.66
C PRO A 14 -2.07 -11.27 -2.60
N CYS A 15 -1.31 -10.49 -3.33
CA CYS A 15 -1.40 -9.05 -3.26
C CYS A 15 -2.59 -8.53 -4.07
N LYS A 16 -3.65 -8.18 -3.38
CA LYS A 16 -4.83 -7.61 -3.98
C LYS A 16 -4.90 -6.14 -3.52
N GLU A 17 -5.51 -5.26 -4.31
CA GLU A 17 -5.56 -3.84 -3.95
C GLU A 17 -6.43 -3.62 -2.71
N LYS A 18 -7.53 -4.35 -2.63
CA LYS A 18 -8.41 -4.27 -1.47
C LYS A 18 -7.70 -4.82 -0.23
N ALA A 19 -6.88 -5.84 -0.45
CA ALA A 19 -6.09 -6.43 0.61
C ALA A 19 -5.09 -5.41 1.11
N CYS A 20 -4.44 -4.74 0.18
CA CYS A 20 -3.49 -3.68 0.50
C CYS A 20 -4.14 -2.53 1.23
N LYS A 21 -5.33 -2.16 0.84
CA LYS A 21 -6.06 -1.07 1.49
C LYS A 21 -6.39 -1.45 2.96
N SER A 22 -6.33 -2.73 3.25
CA SER A 22 -6.51 -3.24 4.57
C SER A 22 -5.14 -3.31 5.29
N VAL A 23 -4.20 -4.02 4.67
CA VAL A 23 -2.86 -4.26 5.24
C VAL A 23 -2.07 -2.95 5.45
N CYS A 24 -2.22 -2.00 4.56
CA CYS A 24 -1.53 -0.74 4.72
C CYS A 24 -2.02 0.05 5.92
N LYS A 25 -3.27 -0.16 6.31
CA LYS A 25 -3.83 0.53 7.46
C LYS A 25 -3.47 -0.22 8.73
N GLU A 26 -3.09 -1.46 8.56
CA GLU A 26 -2.65 -2.32 9.60
C GLU A 26 -1.20 -1.94 9.96
N HIS A 27 -0.40 -1.74 8.93
CA HIS A 27 1.01 -1.40 9.12
C HIS A 27 1.22 0.08 9.39
N TYR A 28 0.54 0.93 8.66
CA TYR A 28 0.75 2.36 8.75
C TYR A 28 -0.53 3.05 9.21
N HIS A 29 -0.38 4.13 9.92
CA HIS A 29 -1.54 4.84 10.45
C HIS A 29 -2.03 5.93 9.53
N HIS A 30 -1.17 6.40 8.66
CA HIS A 30 -1.52 7.47 7.72
C HIS A 30 -1.85 6.90 6.35
N ALA A 31 -1.67 5.62 6.19
CA ALA A 31 -1.93 4.98 4.92
C ALA A 31 -3.41 4.79 4.73
N CYS A 32 -3.92 5.33 3.67
CA CYS A 32 -5.33 5.24 3.38
C CYS A 32 -5.58 4.46 2.08
N LYS A 33 -4.53 4.16 1.37
CA LYS A 33 -4.63 3.46 0.11
C LYS A 33 -3.44 2.53 -0.02
N GLY A 34 -3.60 1.47 -0.75
CA GLY A 34 -2.54 0.55 -0.98
C GLY A 34 -2.77 -0.15 -2.28
N GLU A 35 -1.77 -0.20 -3.13
CA GLU A 35 -1.91 -0.85 -4.42
C GLU A 35 -0.72 -1.73 -4.69
N CYS A 36 -0.95 -2.81 -5.36
CA CYS A 36 0.09 -3.72 -5.73
C CYS A 36 0.64 -3.32 -7.08
N GLU A 37 1.88 -2.91 -7.08
CA GLU A 37 2.53 -2.45 -8.26
C GLU A 37 3.73 -3.33 -8.52
N TYR A 38 4.05 -3.52 -9.74
CA TYR A 38 5.10 -4.45 -10.11
C TYR A 38 6.42 -3.76 -10.23
N HIS A 39 7.45 -4.43 -9.83
CA HIS A 39 8.76 -3.91 -9.95
C HIS A 39 9.65 -4.98 -10.56
N GLY A 40 9.71 -4.98 -11.87
CA GLY A 40 10.52 -5.94 -12.59
C GLY A 40 9.86 -7.30 -12.71
N ARG A 41 9.81 -8.02 -11.60
CA ARG A 41 9.24 -9.36 -11.60
C ARG A 41 8.13 -9.44 -10.57
N GLU A 42 8.47 -9.18 -9.34
CA GLU A 42 7.55 -9.31 -8.22
C GLU A 42 6.67 -8.11 -8.07
N VAL A 43 5.56 -8.31 -7.41
CA VAL A 43 4.64 -7.25 -7.16
C VAL A 43 4.79 -6.80 -5.71
N HIS A 44 4.82 -5.53 -5.50
CA HIS A 44 4.97 -4.98 -4.19
C HIS A 44 3.80 -4.11 -3.86
N CYS A 45 3.35 -4.22 -2.67
CA CYS A 45 2.22 -3.48 -2.20
C CYS A 45 2.69 -2.15 -1.65
N HIS A 46 2.29 -1.09 -2.31
CA HIS A 46 2.71 0.24 -1.94
C HIS A 46 1.61 0.94 -1.19
N CYS A 47 1.94 1.44 -0.04
CA CYS A 47 1.00 2.11 0.82
C CYS A 47 1.06 3.60 0.60
N TYR A 48 -0.07 4.17 0.33
CA TYR A 48 -0.18 5.57 0.07
C TYR A 48 -1.01 6.20 1.15
N GLY A 49 -0.69 7.40 1.49
CA GLY A 49 -1.43 8.11 2.49
C GLY A 49 -1.01 9.53 2.55
N ASP A 50 -1.07 10.10 3.71
CA ASP A 50 -0.63 11.46 3.90
C ASP A 50 0.66 11.47 4.67
N TYR A 51 1.56 12.27 4.23
CA TYR A 51 2.83 12.38 4.89
C TYR A 51 2.76 13.58 5.80
N HIS A 52 2.74 13.32 7.06
CA HIS A 52 2.64 14.36 8.04
C HIS A 52 3.74 14.11 9.04
N ALA A 1 -6.27 15.09 2.35
CA ALA A 1 -7.34 14.10 2.11
C ALA A 1 -7.03 13.26 0.86
N HIS A 2 -5.80 13.29 0.39
CA HIS A 2 -5.44 12.53 -0.79
C HIS A 2 -4.33 11.57 -0.46
N CYS A 3 -4.53 10.34 -0.78
CA CYS A 3 -3.56 9.32 -0.51
C CYS A 3 -2.57 9.29 -1.66
N ASP A 4 -1.56 10.11 -1.56
CA ASP A 4 -0.57 10.22 -2.64
C ASP A 4 0.84 9.98 -2.12
N HIS A 5 1.04 10.15 -0.83
CA HIS A 5 2.35 9.98 -0.25
C HIS A 5 2.74 8.53 -0.16
N PHE A 6 3.80 8.17 -0.85
CA PHE A 6 4.36 6.84 -0.74
C PHE A 6 4.93 6.66 0.66
N LEU A 7 4.29 5.83 1.43
CA LEU A 7 4.73 5.60 2.79
C LEU A 7 5.85 4.61 2.84
N GLY A 8 5.71 3.57 2.05
CA GLY A 8 6.70 2.54 2.02
C GLY A 8 6.23 1.38 1.18
N GLU A 9 6.97 0.30 1.21
CA GLU A 9 6.65 -0.89 0.48
C GLU A 9 6.23 -1.99 1.44
N ALA A 10 5.03 -2.46 1.29
CA ALA A 10 4.58 -3.56 2.08
C ALA A 10 4.33 -4.75 1.18
N PRO A 11 4.91 -5.89 1.50
CA PRO A 11 4.71 -7.10 0.72
C PRO A 11 3.33 -7.71 0.98
N VAL A 12 2.47 -7.66 -0.01
CA VAL A 12 1.14 -8.20 0.14
C VAL A 12 0.93 -9.28 -0.87
N TYR A 13 0.58 -10.44 -0.39
CA TYR A 13 0.29 -11.53 -1.24
C TYR A 13 -0.87 -12.31 -0.62
N PRO A 14 -1.88 -12.68 -1.40
CA PRO A 14 -1.96 -12.39 -2.85
C PRO A 14 -2.35 -10.93 -3.11
N CYS A 15 -2.21 -10.51 -4.34
CA CYS A 15 -2.56 -9.17 -4.71
C CYS A 15 -4.05 -9.04 -4.91
N LYS A 16 -4.63 -8.26 -4.06
CA LYS A 16 -5.99 -7.90 -4.11
C LYS A 16 -5.98 -6.49 -3.64
N GLU A 17 -6.74 -5.63 -4.25
CA GLU A 17 -6.75 -4.20 -3.88
C GLU A 17 -7.16 -4.03 -2.45
N LYS A 18 -8.20 -4.74 -2.08
CA LYS A 18 -8.73 -4.69 -0.74
C LYS A 18 -7.69 -5.20 0.28
N ALA A 19 -7.01 -6.29 -0.08
CA ALA A 19 -5.97 -6.86 0.78
C ALA A 19 -4.82 -5.90 0.91
N CYS A 20 -4.36 -5.42 -0.22
CA CYS A 20 -3.25 -4.50 -0.32
C CYS A 20 -3.50 -3.26 0.55
N LYS A 21 -4.63 -2.63 0.32
CA LYS A 21 -5.04 -1.43 1.05
C LYS A 21 -5.23 -1.72 2.57
N SER A 22 -5.61 -2.94 2.89
CA SER A 22 -5.84 -3.33 4.27
C SER A 22 -4.50 -3.63 4.98
N VAL A 23 -3.63 -4.38 4.32
CA VAL A 23 -2.32 -4.72 4.88
C VAL A 23 -1.48 -3.45 5.03
N CYS A 24 -1.69 -2.49 4.15
CA CYS A 24 -1.07 -1.18 4.26
C CYS A 24 -1.44 -0.50 5.58
N LYS A 25 -2.62 -0.81 6.13
CA LYS A 25 -3.04 -0.27 7.40
C LYS A 25 -2.51 -1.09 8.56
N GLU A 26 -1.98 -2.25 8.28
CA GLU A 26 -1.39 -3.04 9.32
C GLU A 26 0.06 -2.63 9.49
N HIS A 27 0.64 -2.20 8.40
CA HIS A 27 2.01 -1.71 8.40
C HIS A 27 2.07 -0.24 8.74
N TYR A 28 1.21 0.55 8.16
CA TYR A 28 1.26 1.99 8.34
C TYR A 28 -0.08 2.47 8.88
N HIS A 29 -0.09 3.65 9.44
CA HIS A 29 -1.31 4.22 9.98
C HIS A 29 -1.94 5.19 9.01
N HIS A 30 -1.10 5.97 8.36
CA HIS A 30 -1.57 7.02 7.42
C HIS A 30 -2.01 6.43 6.10
N ALA A 31 -1.87 5.13 5.95
CA ALA A 31 -2.20 4.46 4.72
C ALA A 31 -3.69 4.40 4.53
N CYS A 32 -4.15 5.11 3.55
CA CYS A 32 -5.56 5.14 3.23
C CYS A 32 -5.78 4.55 1.84
N LYS A 33 -4.69 4.16 1.19
CA LYS A 33 -4.72 3.57 -0.13
C LYS A 33 -3.47 2.73 -0.30
N GLY A 34 -3.55 1.69 -1.07
CA GLY A 34 -2.41 0.84 -1.30
C GLY A 34 -2.55 0.16 -2.61
N GLU A 35 -1.53 0.22 -3.44
CA GLU A 35 -1.63 -0.38 -4.76
C GLU A 35 -0.53 -1.42 -4.99
N CYS A 36 -0.89 -2.49 -5.69
CA CYS A 36 0.05 -3.54 -6.04
C CYS A 36 1.01 -3.05 -7.09
N GLU A 37 2.25 -2.97 -6.75
CA GLU A 37 3.28 -2.51 -7.63
C GLU A 37 4.03 -3.69 -8.12
N TYR A 38 3.79 -4.05 -9.34
CA TYR A 38 4.43 -5.18 -9.92
C TYR A 38 5.76 -4.80 -10.50
N HIS A 39 6.78 -5.47 -10.05
CA HIS A 39 8.08 -5.27 -10.56
C HIS A 39 8.76 -6.61 -10.64
N GLY A 40 8.59 -7.26 -11.76
CA GLY A 40 9.18 -8.54 -11.99
C GLY A 40 8.54 -9.61 -11.15
N ARG A 41 9.31 -10.17 -10.26
CA ARG A 41 8.85 -11.25 -9.41
C ARG A 41 8.07 -10.74 -8.21
N GLU A 42 8.66 -9.82 -7.49
CA GLU A 42 8.11 -9.37 -6.24
C GLU A 42 7.15 -8.20 -6.42
N VAL A 43 5.90 -8.45 -6.11
CA VAL A 43 4.91 -7.41 -6.11
C VAL A 43 4.81 -6.85 -4.69
N HIS A 44 5.00 -5.57 -4.58
CA HIS A 44 4.91 -4.92 -3.31
C HIS A 44 3.84 -3.89 -3.37
N CYS A 45 3.27 -3.59 -2.28
CA CYS A 45 2.29 -2.59 -2.22
C CYS A 45 2.87 -1.30 -1.81
N HIS A 46 2.75 -0.32 -2.67
CA HIS A 46 3.07 1.00 -2.31
C HIS A 46 1.89 1.56 -1.62
N CYS A 47 2.05 1.76 -0.35
CA CYS A 47 1.03 2.27 0.47
C CYS A 47 1.02 3.77 0.40
N TYR A 48 -0.10 4.31 0.02
CA TYR A 48 -0.28 5.72 -0.13
C TYR A 48 -0.97 6.26 1.08
N GLY A 49 -0.45 7.31 1.60
CA GLY A 49 -1.03 7.91 2.74
C GLY A 49 -1.24 9.38 2.58
N ASP A 50 -1.81 9.97 3.58
CA ASP A 50 -2.15 11.37 3.58
C ASP A 50 -1.67 12.03 4.87
N TYR A 51 -1.19 13.25 4.77
CA TYR A 51 -0.64 13.96 5.92
C TYR A 51 -1.27 15.32 6.09
N HIS A 52 -2.07 15.46 7.11
CA HIS A 52 -2.66 16.73 7.47
C HIS A 52 -2.65 16.88 8.97
N ALA A 1 -4.21 14.09 2.60
CA ALA A 1 -5.21 13.04 2.45
C ALA A 1 -5.27 12.57 0.99
N HIS A 2 -4.13 12.52 0.33
CA HIS A 2 -4.08 12.13 -1.07
C HIS A 2 -3.37 10.80 -1.22
N CYS A 3 -3.93 9.97 -2.05
CA CYS A 3 -3.43 8.62 -2.24
C CYS A 3 -2.48 8.53 -3.45
N ASP A 4 -1.82 9.63 -3.78
CA ASP A 4 -0.86 9.64 -4.88
C ASP A 4 0.57 9.66 -4.34
N HIS A 5 0.68 9.68 -3.04
CA HIS A 5 1.98 9.77 -2.39
C HIS A 5 2.34 8.43 -1.75
N PHE A 6 3.49 7.91 -2.10
CA PHE A 6 3.97 6.64 -1.61
C PHE A 6 4.57 6.80 -0.22
N LEU A 7 4.01 6.11 0.74
CA LEU A 7 4.50 6.15 2.13
C LEU A 7 5.46 5.01 2.38
N GLY A 8 5.05 3.82 2.04
CA GLY A 8 5.85 2.68 2.31
C GLY A 8 5.37 1.49 1.54
N GLU A 9 5.89 0.35 1.84
CA GLU A 9 5.60 -0.86 1.12
C GLU A 9 5.27 -1.97 2.10
N ALA A 10 4.37 -2.83 1.72
CA ALA A 10 4.00 -3.97 2.53
C ALA A 10 4.08 -5.24 1.69
N PRO A 11 4.60 -6.33 2.26
CA PRO A 11 4.62 -7.62 1.59
C PRO A 11 3.27 -8.35 1.75
N VAL A 12 2.55 -8.50 0.67
CA VAL A 12 1.24 -9.13 0.72
C VAL A 12 1.14 -10.23 -0.32
N TYR A 13 0.89 -11.44 0.13
CA TYR A 13 0.68 -12.57 -0.73
C TYR A 13 -0.08 -13.65 0.02
N PRO A 14 -1.29 -14.05 -0.46
CA PRO A 14 -1.89 -13.55 -1.72
C PRO A 14 -2.23 -12.07 -1.68
N CYS A 15 -2.18 -11.44 -2.81
CA CYS A 15 -2.38 -10.02 -2.89
C CYS A 15 -3.64 -9.69 -3.67
N LYS A 16 -4.51 -8.93 -3.02
CA LYS A 16 -5.76 -8.47 -3.58
C LYS A 16 -5.94 -7.02 -3.14
N GLU A 17 -6.91 -6.32 -3.74
CA GLU A 17 -7.11 -4.87 -3.47
C GLU A 17 -7.38 -4.58 -2.01
N LYS A 18 -8.41 -5.22 -1.50
CA LYS A 18 -8.85 -4.99 -0.13
C LYS A 18 -7.78 -5.38 0.87
N ALA A 19 -7.06 -6.45 0.58
CA ALA A 19 -5.96 -6.92 1.42
C ALA A 19 -4.86 -5.88 1.47
N CYS A 20 -4.42 -5.45 0.30
CA CYS A 20 -3.33 -4.48 0.17
C CYS A 20 -3.73 -3.15 0.84
N LYS A 21 -4.95 -2.69 0.57
CA LYS A 21 -5.44 -1.45 1.14
C LYS A 21 -5.56 -1.55 2.67
N SER A 22 -5.98 -2.71 3.15
CA SER A 22 -6.15 -2.92 4.57
C SER A 22 -4.81 -2.85 5.28
N VAL A 23 -3.87 -3.71 4.87
CA VAL A 23 -2.62 -3.81 5.50
C VAL A 23 -1.83 -2.51 5.40
N CYS A 24 -1.98 -1.77 4.31
CA CYS A 24 -1.32 -0.50 4.20
C CYS A 24 -1.76 0.49 5.27
N LYS A 25 -3.02 0.39 5.66
CA LYS A 25 -3.55 1.24 6.70
C LYS A 25 -3.27 0.67 8.09
N GLU A 26 -2.80 -0.56 8.12
CA GLU A 26 -2.44 -1.20 9.36
C GLU A 26 -0.94 -1.06 9.64
N HIS A 27 -0.13 -1.12 8.60
CA HIS A 27 1.29 -0.84 8.73
C HIS A 27 1.47 0.66 8.93
N TYR A 28 0.74 1.42 8.15
CA TYR A 28 0.80 2.85 8.21
C TYR A 28 -0.62 3.36 8.44
N HIS A 29 -0.95 3.67 9.67
CA HIS A 29 -2.31 4.13 10.02
C HIS A 29 -2.63 5.50 9.42
N HIS A 30 -1.68 6.07 8.76
CA HIS A 30 -1.83 7.36 8.16
C HIS A 30 -2.16 7.20 6.67
N ALA A 31 -2.05 5.97 6.17
CA ALA A 31 -2.25 5.67 4.76
C ALA A 31 -3.72 5.65 4.40
N CYS A 32 -4.01 5.75 3.13
CA CYS A 32 -5.36 5.75 2.66
C CYS A 32 -5.65 4.60 1.71
N LYS A 33 -4.71 4.32 0.82
CA LYS A 33 -4.92 3.30 -0.18
C LYS A 33 -3.64 2.55 -0.44
N GLY A 34 -3.77 1.30 -0.79
CA GLY A 34 -2.64 0.50 -1.19
C GLY A 34 -2.84 0.09 -2.64
N GLU A 35 -1.80 -0.39 -3.27
CA GLU A 35 -1.91 -0.88 -4.63
C GLU A 35 -0.87 -1.94 -4.88
N CYS A 36 -1.33 -3.03 -5.42
CA CYS A 36 -0.53 -4.18 -5.68
C CYS A 36 0.03 -4.05 -7.11
N GLU A 37 1.31 -3.71 -7.21
CA GLU A 37 1.94 -3.38 -8.49
C GLU A 37 3.18 -4.22 -8.72
N TYR A 38 3.37 -4.70 -9.93
CA TYR A 38 4.58 -5.37 -10.30
C TYR A 38 5.57 -4.32 -10.71
N HIS A 39 6.50 -4.04 -9.84
CA HIS A 39 7.41 -2.96 -10.04
C HIS A 39 8.84 -3.44 -9.90
N GLY A 40 9.58 -3.32 -10.96
CA GLY A 40 10.96 -3.73 -10.95
C GLY A 40 11.09 -5.19 -11.28
N ARG A 41 10.70 -6.04 -10.36
CA ARG A 41 10.77 -7.46 -10.57
C ARG A 41 9.45 -8.11 -10.24
N GLU A 42 9.10 -8.09 -8.97
CA GLU A 42 7.92 -8.77 -8.48
C GLU A 42 6.83 -7.77 -8.09
N VAL A 43 5.77 -8.26 -7.47
CA VAL A 43 4.67 -7.43 -7.06
C VAL A 43 4.92 -6.88 -5.65
N HIS A 44 4.57 -5.64 -5.45
CA HIS A 44 4.70 -5.00 -4.16
C HIS A 44 3.36 -4.35 -3.83
N CYS A 45 3.02 -4.32 -2.58
CA CYS A 45 1.86 -3.61 -2.13
C CYS A 45 2.33 -2.24 -1.68
N HIS A 46 2.10 -1.25 -2.51
CA HIS A 46 2.54 0.09 -2.25
C HIS A 46 1.49 0.79 -1.42
N CYS A 47 1.91 1.41 -0.36
CA CYS A 47 1.03 2.10 0.54
C CYS A 47 1.05 3.59 0.27
N TYR A 48 -0.10 4.16 0.00
CA TYR A 48 -0.20 5.56 -0.35
C TYR A 48 -0.95 6.33 0.69
N GLY A 49 -0.65 7.59 0.81
CA GLY A 49 -1.32 8.46 1.71
C GLY A 49 -0.45 9.61 2.10
N ASP A 50 -0.67 10.11 3.28
CA ASP A 50 0.09 11.21 3.84
C ASP A 50 0.32 10.89 5.26
N TYR A 51 1.32 11.45 5.86
CA TYR A 51 1.47 11.28 7.27
C TYR A 51 0.57 12.27 7.95
N HIS A 52 -0.46 11.77 8.55
CA HIS A 52 -1.46 12.55 9.22
C HIS A 52 -1.17 12.54 10.70
N ALA A 1 -7.93 15.34 -2.31
CA ALA A 1 -8.89 14.40 -1.74
C ALA A 1 -8.49 12.96 -2.03
N HIS A 2 -7.42 12.78 -2.77
CA HIS A 2 -6.95 11.45 -3.09
C HIS A 2 -5.80 11.13 -2.17
N CYS A 3 -5.83 9.97 -1.56
CA CYS A 3 -4.73 9.52 -0.73
C CYS A 3 -3.60 9.15 -1.67
N ASP A 4 -2.74 10.08 -1.92
CA ASP A 4 -1.76 9.97 -2.98
C ASP A 4 -0.34 9.95 -2.48
N HIS A 5 -0.10 10.38 -1.26
CA HIS A 5 1.26 10.44 -0.78
C HIS A 5 1.75 9.04 -0.41
N PHE A 6 2.73 8.58 -1.15
CA PHE A 6 3.36 7.29 -0.93
C PHE A 6 4.11 7.28 0.38
N LEU A 7 3.70 6.44 1.27
CA LEU A 7 4.33 6.32 2.55
C LEU A 7 5.40 5.26 2.51
N GLY A 8 5.02 4.06 2.15
CA GLY A 8 5.95 2.97 2.16
C GLY A 8 5.48 1.78 1.36
N GLU A 9 6.17 0.68 1.52
CA GLU A 9 5.91 -0.54 0.77
C GLU A 9 5.66 -1.71 1.71
N ALA A 10 4.55 -2.35 1.53
CA ALA A 10 4.20 -3.49 2.32
C ALA A 10 4.30 -4.76 1.48
N PRO A 11 4.65 -5.91 2.09
CA PRO A 11 4.66 -7.18 1.40
C PRO A 11 3.26 -7.84 1.44
N VAL A 12 2.63 -7.95 0.28
CA VAL A 12 1.28 -8.50 0.17
C VAL A 12 1.20 -9.37 -1.07
N TYR A 13 1.03 -10.65 -0.89
CA TYR A 13 0.91 -11.55 -2.02
C TYR A 13 -0.09 -12.66 -1.69
N PRO A 14 -1.11 -12.91 -2.56
CA PRO A 14 -1.34 -12.12 -3.79
C PRO A 14 -1.86 -10.74 -3.44
N CYS A 15 -1.46 -9.75 -4.19
CA CYS A 15 -1.83 -8.41 -3.85
C CYS A 15 -3.06 -7.99 -4.63
N LYS A 16 -3.97 -7.37 -3.95
CA LYS A 16 -5.19 -6.90 -4.51
C LYS A 16 -5.41 -5.50 -3.94
N GLU A 17 -6.18 -4.67 -4.64
CA GLU A 17 -6.46 -3.28 -4.25
C GLU A 17 -6.88 -3.16 -2.76
N LYS A 18 -7.85 -3.97 -2.37
CA LYS A 18 -8.34 -3.92 -1.01
C LYS A 18 -7.37 -4.60 -0.04
N ALA A 19 -6.74 -5.68 -0.50
CA ALA A 19 -5.77 -6.40 0.32
C ALA A 19 -4.60 -5.52 0.68
N CYS A 20 -4.09 -4.80 -0.31
CA CYS A 20 -2.98 -3.89 -0.13
C CYS A 20 -3.40 -2.80 0.86
N LYS A 21 -4.60 -2.24 0.64
CA LYS A 21 -5.20 -1.21 1.51
C LYS A 21 -5.26 -1.70 2.96
N SER A 22 -5.74 -2.92 3.12
CA SER A 22 -5.95 -3.52 4.40
C SER A 22 -4.60 -3.78 5.11
N VAL A 23 -3.64 -4.36 4.39
CA VAL A 23 -2.33 -4.68 4.97
C VAL A 23 -1.52 -3.40 5.22
N CYS A 24 -1.72 -2.39 4.39
CA CYS A 24 -1.11 -1.09 4.61
C CYS A 24 -1.53 -0.49 5.93
N LYS A 25 -2.72 -0.84 6.42
CA LYS A 25 -3.19 -0.36 7.71
C LYS A 25 -2.60 -1.17 8.85
N GLU A 26 -2.04 -2.32 8.52
CA GLU A 26 -1.42 -3.15 9.52
C GLU A 26 0.01 -2.69 9.70
N HIS A 27 0.61 -2.23 8.63
CA HIS A 27 1.96 -1.69 8.70
C HIS A 27 1.97 -0.21 9.06
N TYR A 28 1.10 0.56 8.47
CA TYR A 28 1.07 1.99 8.68
C TYR A 28 -0.25 2.44 9.25
N HIS A 29 -0.19 3.37 10.15
CA HIS A 29 -1.39 3.92 10.79
C HIS A 29 -1.94 5.03 9.89
N HIS A 30 -1.04 5.64 9.15
CA HIS A 30 -1.36 6.79 8.29
C HIS A 30 -1.74 6.38 6.86
N ALA A 31 -1.87 5.09 6.62
CA ALA A 31 -2.19 4.62 5.29
C ALA A 31 -3.66 4.83 4.97
N CYS A 32 -3.96 4.83 3.72
CA CYS A 32 -5.29 5.02 3.23
C CYS A 32 -5.55 4.17 1.99
N LYS A 33 -4.65 4.22 1.04
CA LYS A 33 -4.82 3.49 -0.20
C LYS A 33 -3.60 2.62 -0.43
N GLY A 34 -3.78 1.56 -1.14
CA GLY A 34 -2.68 0.70 -1.44
C GLY A 34 -2.78 0.19 -2.85
N GLU A 35 -1.72 0.28 -3.61
CA GLU A 35 -1.69 -0.22 -4.96
C GLU A 35 -0.65 -1.30 -5.13
N CYS A 36 -0.96 -2.27 -5.92
CA CYS A 36 -0.11 -3.42 -6.10
C CYS A 36 0.71 -3.31 -7.37
N GLU A 37 2.00 -3.25 -7.23
CA GLU A 37 2.88 -3.19 -8.37
C GLU A 37 3.70 -4.44 -8.48
N TYR A 38 3.35 -5.27 -9.42
CA TYR A 38 4.09 -6.46 -9.69
C TYR A 38 5.28 -6.10 -10.54
N HIS A 39 6.40 -5.98 -9.90
CA HIS A 39 7.62 -5.58 -10.53
C HIS A 39 8.63 -6.68 -10.41
N GLY A 40 8.85 -7.37 -11.49
CA GLY A 40 9.77 -8.47 -11.48
C GLY A 40 9.17 -9.69 -10.83
N ARG A 41 9.83 -10.19 -9.82
CA ARG A 41 9.37 -11.39 -9.14
C ARG A 41 8.43 -10.99 -8.00
N GLU A 42 8.70 -9.84 -7.42
CA GLU A 42 8.00 -9.35 -6.25
C GLU A 42 6.88 -8.41 -6.60
N VAL A 43 6.02 -8.16 -5.65
CA VAL A 43 4.98 -7.19 -5.77
C VAL A 43 5.08 -6.19 -4.65
N HIS A 44 5.06 -4.95 -5.00
CA HIS A 44 5.20 -3.88 -4.07
C HIS A 44 3.84 -3.32 -3.78
N CYS A 45 3.43 -3.41 -2.57
CA CYS A 45 2.19 -2.84 -2.12
C CYS A 45 2.50 -1.42 -1.68
N HIS A 46 2.12 -0.47 -2.52
CA HIS A 46 2.38 0.91 -2.28
C HIS A 46 1.34 1.49 -1.38
N CYS A 47 1.74 1.81 -0.19
CA CYS A 47 0.86 2.36 0.79
C CYS A 47 0.82 3.87 0.66
N TYR A 48 -0.30 4.39 0.26
CA TYR A 48 -0.50 5.80 0.12
C TYR A 48 -1.31 6.29 1.30
N GLY A 49 -1.07 7.50 1.70
CA GLY A 49 -1.79 8.10 2.79
C GLY A 49 -1.40 9.53 2.94
N ASP A 50 -1.44 10.02 4.15
CA ASP A 50 -1.04 11.38 4.48
C ASP A 50 -0.28 11.32 5.75
N TYR A 51 0.72 12.14 5.93
CA TYR A 51 1.51 12.06 7.12
C TYR A 51 1.56 13.40 7.82
N HIS A 52 2.00 13.38 9.03
CA HIS A 52 2.12 14.56 9.84
C HIS A 52 3.35 14.43 10.67
N ALA A 1 -6.79 15.55 2.64
CA ALA A 1 -5.92 14.39 2.69
C ALA A 1 -5.75 13.81 1.31
N HIS A 2 -4.53 13.76 0.83
CA HIS A 2 -4.25 13.20 -0.48
C HIS A 2 -3.75 11.78 -0.32
N CYS A 3 -4.54 10.83 -0.74
CA CYS A 3 -4.20 9.42 -0.67
C CYS A 3 -3.27 9.03 -1.81
N ASP A 4 -2.23 9.82 -2.02
CA ASP A 4 -1.34 9.57 -3.12
C ASP A 4 0.12 9.70 -2.69
N HIS A 5 0.35 10.06 -1.44
CA HIS A 5 1.72 10.18 -0.93
C HIS A 5 2.24 8.81 -0.58
N PHE A 6 3.37 8.47 -1.13
CA PHE A 6 4.00 7.19 -0.89
C PHE A 6 4.59 7.15 0.52
N LEU A 7 3.90 6.47 1.40
CA LEU A 7 4.29 6.37 2.78
C LEU A 7 5.36 5.31 2.94
N GLY A 8 5.23 4.28 2.16
CA GLY A 8 6.15 3.18 2.22
C GLY A 8 5.59 2.02 1.47
N GLU A 9 6.25 0.91 1.53
CA GLU A 9 5.81 -0.25 0.81
C GLU A 9 5.65 -1.43 1.75
N ALA A 10 4.65 -2.22 1.48
CA ALA A 10 4.35 -3.39 2.28
C ALA A 10 4.41 -4.64 1.40
N PRO A 11 4.92 -5.75 1.93
CA PRO A 11 5.00 -7.00 1.18
C PRO A 11 3.65 -7.72 1.14
N VAL A 12 2.99 -7.70 0.01
CA VAL A 12 1.70 -8.34 -0.12
C VAL A 12 1.70 -9.27 -1.31
N TYR A 13 1.80 -10.54 -1.05
CA TYR A 13 1.76 -11.53 -2.08
C TYR A 13 0.98 -12.74 -1.57
N PRO A 14 0.03 -13.27 -2.34
CA PRO A 14 -0.36 -12.71 -3.65
C PRO A 14 -1.18 -11.43 -3.50
N CYS A 15 -1.36 -10.73 -4.57
CA CYS A 15 -2.09 -9.49 -4.55
C CYS A 15 -3.58 -9.68 -4.62
N LYS A 16 -4.23 -9.02 -3.73
CA LYS A 16 -5.62 -8.86 -3.67
C LYS A 16 -5.78 -7.40 -3.33
N GLU A 17 -6.52 -6.70 -4.10
CA GLU A 17 -6.69 -5.26 -3.92
C GLU A 17 -7.16 -4.85 -2.51
N LYS A 18 -8.10 -5.61 -1.96
CA LYS A 18 -8.58 -5.37 -0.62
C LYS A 18 -7.49 -5.68 0.41
N ALA A 19 -6.75 -6.77 0.18
CA ALA A 19 -5.68 -7.20 1.07
C ALA A 19 -4.59 -6.16 1.10
N CYS A 20 -4.21 -5.71 -0.07
CA CYS A 20 -3.17 -4.72 -0.26
C CYS A 20 -3.48 -3.46 0.53
N LYS A 21 -4.70 -2.97 0.38
CA LYS A 21 -5.17 -1.79 1.07
C LYS A 21 -5.19 -2.01 2.59
N SER A 22 -5.63 -3.19 3.01
CA SER A 22 -5.69 -3.54 4.42
C SER A 22 -4.29 -3.51 5.01
N VAL A 23 -3.38 -4.28 4.41
CA VAL A 23 -2.00 -4.40 4.88
C VAL A 23 -1.34 -3.02 4.99
N CYS A 24 -1.56 -2.20 3.98
CA CYS A 24 -1.05 -0.84 3.99
C CYS A 24 -1.56 -0.03 5.17
N LYS A 25 -2.84 -0.16 5.50
CA LYS A 25 -3.41 0.58 6.63
C LYS A 25 -3.00 -0.02 7.96
N GLU A 26 -2.65 -1.28 7.94
CA GLU A 26 -2.23 -1.96 9.14
C GLU A 26 -0.78 -1.60 9.49
N HIS A 27 0.04 -1.37 8.48
CA HIS A 27 1.42 -0.92 8.71
C HIS A 27 1.46 0.60 8.86
N TYR A 28 0.76 1.28 7.99
CA TYR A 28 0.73 2.72 7.99
C TYR A 28 -0.68 3.18 8.29
N HIS A 29 -0.89 3.69 9.47
CA HIS A 29 -2.22 4.13 9.89
C HIS A 29 -2.74 5.31 9.06
N HIS A 30 -1.84 6.02 8.40
CA HIS A 30 -2.23 7.14 7.57
C HIS A 30 -2.50 6.71 6.13
N ALA A 31 -2.37 5.43 5.86
CA ALA A 31 -2.61 4.95 4.52
C ALA A 31 -4.09 4.85 4.25
N CYS A 32 -4.48 5.25 3.10
CA CYS A 32 -5.87 5.20 2.68
C CYS A 32 -5.98 4.64 1.26
N LYS A 33 -4.83 4.32 0.70
CA LYS A 33 -4.74 3.76 -0.62
C LYS A 33 -3.54 2.84 -0.64
N GLY A 34 -3.64 1.75 -1.34
CA GLY A 34 -2.55 0.84 -1.45
C GLY A 34 -2.67 0.11 -2.74
N GLU A 35 -1.62 0.12 -3.51
CA GLU A 35 -1.66 -0.54 -4.80
C GLU A 35 -0.54 -1.51 -4.97
N CYS A 36 -0.84 -2.63 -5.56
CA CYS A 36 0.14 -3.64 -5.85
C CYS A 36 0.94 -3.18 -7.05
N GLU A 37 2.12 -2.70 -6.81
CA GLU A 37 2.96 -2.19 -7.86
C GLU A 37 3.89 -3.26 -8.32
N TYR A 38 3.66 -3.73 -9.51
CA TYR A 38 4.38 -4.82 -10.07
C TYR A 38 5.74 -4.43 -10.55
N HIS A 39 6.70 -4.80 -9.78
CA HIS A 39 8.09 -4.67 -10.10
C HIS A 39 8.68 -6.03 -9.90
N GLY A 40 8.85 -6.73 -10.99
CA GLY A 40 9.32 -8.08 -10.92
C GLY A 40 8.17 -9.04 -10.77
N ARG A 41 8.40 -10.14 -10.10
CA ARG A 41 7.37 -11.14 -9.90
C ARG A 41 6.70 -10.95 -8.56
N GLU A 42 7.50 -10.86 -7.53
CA GLU A 42 6.99 -10.63 -6.21
C GLU A 42 6.65 -9.17 -6.03
N VAL A 43 5.37 -8.91 -6.10
CA VAL A 43 4.81 -7.59 -6.05
C VAL A 43 4.81 -7.02 -4.62
N HIS A 44 4.91 -5.73 -4.51
CA HIS A 44 4.89 -5.03 -3.26
C HIS A 44 3.77 -4.02 -3.35
N CYS A 45 3.21 -3.70 -2.24
CA CYS A 45 2.17 -2.71 -2.20
C CYS A 45 2.73 -1.40 -1.83
N HIS A 46 2.47 -0.43 -2.63
CA HIS A 46 2.86 0.90 -2.32
C HIS A 46 1.72 1.52 -1.58
N CYS A 47 2.00 1.90 -0.38
CA CYS A 47 1.01 2.42 0.50
C CYS A 47 0.98 3.91 0.40
N TYR A 48 -0.18 4.42 0.10
CA TYR A 48 -0.36 5.82 -0.09
C TYR A 48 -1.33 6.36 0.93
N GLY A 49 -1.05 7.54 1.39
CA GLY A 49 -1.91 8.18 2.34
C GLY A 49 -1.48 9.59 2.53
N ASP A 50 -2.02 10.23 3.52
CA ASP A 50 -1.64 11.59 3.81
C ASP A 50 -1.07 11.63 5.19
N TYR A 51 0.21 11.82 5.28
CA TYR A 51 0.89 11.78 6.55
C TYR A 51 1.14 13.20 7.02
N HIS A 52 0.56 13.52 8.13
CA HIS A 52 0.70 14.82 8.71
C HIS A 52 0.43 14.65 10.18
N ALA A 1 -9.14 13.29 3.01
CA ALA A 1 -7.95 12.45 3.02
C ALA A 1 -7.62 12.00 1.62
N HIS A 2 -6.51 12.46 1.09
CA HIS A 2 -6.10 12.09 -0.25
C HIS A 2 -4.95 11.11 -0.17
N CYS A 3 -4.92 10.19 -1.09
CA CYS A 3 -3.91 9.18 -1.11
C CYS A 3 -3.05 9.38 -2.34
N ASP A 4 -1.93 10.03 -2.18
CA ASP A 4 -1.06 10.28 -3.30
C ASP A 4 0.40 10.21 -2.92
N HIS A 5 0.71 10.65 -1.73
CA HIS A 5 2.08 10.63 -1.25
C HIS A 5 2.48 9.20 -0.90
N PHE A 6 3.51 8.68 -1.56
CA PHE A 6 4.04 7.36 -1.28
C PHE A 6 4.63 7.34 0.12
N LEU A 7 4.11 6.50 0.96
CA LEU A 7 4.59 6.39 2.32
C LEU A 7 5.62 5.30 2.41
N GLY A 8 5.34 4.18 1.78
CA GLY A 8 6.24 3.09 1.86
C GLY A 8 5.81 1.92 1.04
N GLU A 9 6.36 0.78 1.36
CA GLU A 9 6.21 -0.43 0.61
C GLU A 9 5.82 -1.59 1.52
N ALA A 10 4.82 -2.34 1.15
CA ALA A 10 4.38 -3.49 1.91
C ALA A 10 4.38 -4.74 1.02
N PRO A 11 4.72 -5.91 1.58
CA PRO A 11 4.70 -7.17 0.84
C PRO A 11 3.33 -7.90 0.92
N VAL A 12 2.63 -7.95 -0.18
CA VAL A 12 1.31 -8.58 -0.21
C VAL A 12 1.24 -9.53 -1.40
N TYR A 13 1.34 -10.82 -1.17
CA TYR A 13 1.29 -11.78 -2.25
C TYR A 13 0.43 -12.97 -1.84
N PRO A 14 -0.62 -13.31 -2.61
CA PRO A 14 -1.01 -12.57 -3.81
C PRO A 14 -1.70 -11.25 -3.44
N CYS A 15 -1.52 -10.25 -4.26
CA CYS A 15 -2.03 -8.95 -3.95
C CYS A 15 -3.42 -8.74 -4.50
N LYS A 16 -4.21 -8.06 -3.73
CA LYS A 16 -5.51 -7.59 -4.08
C LYS A 16 -5.59 -6.21 -3.57
N GLU A 17 -6.37 -5.40 -4.18
CA GLU A 17 -6.46 -4.01 -3.84
C GLU A 17 -6.93 -3.78 -2.40
N LYS A 18 -7.99 -4.44 -2.01
CA LYS A 18 -8.51 -4.29 -0.65
C LYS A 18 -7.51 -4.85 0.35
N ALA A 19 -6.91 -5.99 0.01
CA ALA A 19 -5.91 -6.62 0.85
C ALA A 19 -4.72 -5.69 1.02
N CYS A 20 -4.27 -5.13 -0.08
CA CYS A 20 -3.16 -4.20 -0.11
C CYS A 20 -3.48 -2.99 0.77
N LYS A 21 -4.68 -2.42 0.57
CA LYS A 21 -5.19 -1.29 1.36
C LYS A 21 -5.15 -1.61 2.85
N SER A 22 -5.63 -2.80 3.17
CA SER A 22 -5.71 -3.29 4.53
C SER A 22 -4.29 -3.46 5.14
N VAL A 23 -3.37 -4.06 4.37
CA VAL A 23 -2.00 -4.25 4.81
C VAL A 23 -1.30 -2.90 4.99
N CYS A 24 -1.60 -1.98 4.11
CA CYS A 24 -1.10 -0.63 4.21
C CYS A 24 -1.54 0.02 5.52
N LYS A 25 -2.79 -0.25 5.94
CA LYS A 25 -3.29 0.27 7.22
C LYS A 25 -2.50 -0.31 8.39
N GLU A 26 -2.15 -1.58 8.26
CA GLU A 26 -1.38 -2.28 9.29
C GLU A 26 0.00 -1.69 9.47
N HIS A 27 0.68 -1.47 8.37
CA HIS A 27 2.05 -0.95 8.43
C HIS A 27 2.08 0.56 8.61
N TYR A 28 1.20 1.26 7.94
CA TYR A 28 1.19 2.71 7.99
C TYR A 28 -0.21 3.19 8.36
N HIS A 29 -0.32 3.79 9.54
CA HIS A 29 -1.62 4.27 10.03
C HIS A 29 -2.22 5.31 9.10
N HIS A 30 -1.39 6.15 8.54
CA HIS A 30 -1.86 7.23 7.68
C HIS A 30 -1.97 6.82 6.24
N ALA A 31 -1.76 5.56 5.96
CA ALA A 31 -1.95 5.07 4.62
C ALA A 31 -3.42 4.85 4.43
N CYS A 32 -3.89 5.17 3.28
CA CYS A 32 -5.30 5.03 3.00
C CYS A 32 -5.52 4.16 1.76
N LYS A 33 -4.57 4.17 0.84
CA LYS A 33 -4.70 3.40 -0.36
C LYS A 33 -3.37 2.78 -0.71
N GLY A 34 -3.41 1.63 -1.31
CA GLY A 34 -2.23 0.99 -1.77
C GLY A 34 -2.46 0.41 -3.14
N GLU A 35 -1.41 0.32 -3.92
CA GLU A 35 -1.49 -0.27 -5.26
C GLU A 35 -0.52 -1.45 -5.36
N CYS A 36 -0.93 -2.47 -6.08
CA CYS A 36 -0.13 -3.65 -6.28
C CYS A 36 0.83 -3.41 -7.46
N GLU A 37 2.07 -3.13 -7.15
CA GLU A 37 3.06 -2.85 -8.18
C GLU A 37 3.77 -4.13 -8.56
N TYR A 38 3.50 -4.60 -9.76
CA TYR A 38 4.07 -5.83 -10.24
C TYR A 38 5.41 -5.60 -10.91
N HIS A 39 6.43 -5.91 -10.16
CA HIS A 39 7.79 -5.78 -10.61
C HIS A 39 8.57 -6.93 -10.00
N GLY A 40 8.98 -7.87 -10.81
CA GLY A 40 9.66 -9.03 -10.31
C GLY A 40 8.69 -10.11 -9.96
N ARG A 41 9.09 -11.05 -9.13
CA ARG A 41 8.20 -12.11 -8.73
C ARG A 41 7.40 -11.72 -7.49
N GLU A 42 7.91 -10.74 -6.77
CA GLU A 42 7.23 -10.20 -5.62
C GLU A 42 6.39 -9.02 -6.09
N VAL A 43 5.26 -8.81 -5.47
CA VAL A 43 4.46 -7.67 -5.83
C VAL A 43 4.48 -6.69 -4.67
N HIS A 44 4.87 -5.49 -4.98
CA HIS A 44 5.10 -4.50 -3.97
C HIS A 44 3.91 -3.58 -3.85
N CYS A 45 3.40 -3.49 -2.67
CA CYS A 45 2.34 -2.56 -2.40
C CYS A 45 2.90 -1.27 -2.01
N HIS A 46 2.67 -0.28 -2.82
CA HIS A 46 3.07 1.02 -2.47
C HIS A 46 1.89 1.69 -1.84
N CYS A 47 2.10 2.09 -0.62
CA CYS A 47 1.06 2.65 0.18
C CYS A 47 1.09 4.15 0.09
N TYR A 48 -0.04 4.71 -0.18
CA TYR A 48 -0.22 6.13 -0.33
C TYR A 48 -0.99 6.62 0.86
N GLY A 49 -0.64 7.78 1.37
CA GLY A 49 -1.37 8.31 2.48
C GLY A 49 -0.92 9.69 2.84
N ASP A 50 -1.60 10.26 3.79
CA ASP A 50 -1.35 11.61 4.23
C ASP A 50 -1.12 11.67 5.71
N TYR A 51 0.06 12.06 6.10
CA TYR A 51 0.38 12.23 7.50
C TYR A 51 -0.25 13.47 8.06
N HIS A 52 -1.18 13.27 8.95
CA HIS A 52 -1.81 14.35 9.62
C HIS A 52 -0.96 14.69 10.82
N ALA A 1 -9.99 9.51 1.44
CA ALA A 1 -9.06 10.64 1.45
C ALA A 1 -8.13 10.53 0.27
N HIS A 2 -7.41 11.58 -0.03
CA HIS A 2 -6.46 11.53 -1.12
C HIS A 2 -5.15 10.97 -0.66
N CYS A 3 -4.92 9.77 -1.02
CA CYS A 3 -3.71 9.10 -0.71
C CYS A 3 -2.94 8.84 -1.99
N ASP A 4 -2.02 9.72 -2.28
CA ASP A 4 -1.25 9.62 -3.51
C ASP A 4 0.24 9.41 -3.25
N HIS A 5 0.69 9.80 -2.08
CA HIS A 5 2.10 9.73 -1.73
C HIS A 5 2.45 8.37 -1.11
N PHE A 6 3.55 7.76 -1.55
CA PHE A 6 4.00 6.49 -0.97
C PHE A 6 4.44 6.70 0.48
N LEU A 7 3.96 5.85 1.35
CA LEU A 7 4.36 5.87 2.75
C LEU A 7 5.33 4.75 2.99
N GLY A 8 5.30 3.82 2.10
CA GLY A 8 6.09 2.66 2.17
C GLY A 8 5.37 1.55 1.49
N GLU A 9 5.89 0.38 1.55
CA GLU A 9 5.25 -0.75 0.95
C GLU A 9 5.01 -1.81 2.00
N ALA A 10 4.09 -2.70 1.75
CA ALA A 10 3.77 -3.75 2.66
C ALA A 10 3.96 -5.10 2.00
N PRO A 11 4.64 -6.02 2.71
CA PRO A 11 4.89 -7.36 2.20
C PRO A 11 3.64 -8.26 2.29
N VAL A 12 2.98 -8.45 1.16
CA VAL A 12 1.84 -9.31 1.04
C VAL A 12 1.84 -10.01 -0.30
N TYR A 13 1.47 -11.27 -0.31
CA TYR A 13 1.33 -12.05 -1.53
C TYR A 13 0.43 -13.26 -1.24
N PRO A 14 -0.63 -13.50 -2.04
CA PRO A 14 -0.95 -12.72 -3.24
C PRO A 14 -1.40 -11.31 -2.90
N CYS A 15 -1.06 -10.39 -3.73
CA CYS A 15 -1.33 -9.02 -3.47
C CYS A 15 -2.57 -8.59 -4.24
N LYS A 16 -3.65 -8.42 -3.53
CA LYS A 16 -4.87 -7.90 -4.09
C LYS A 16 -5.16 -6.56 -3.44
N GLU A 17 -5.83 -5.69 -4.17
CA GLU A 17 -6.11 -4.33 -3.72
C GLU A 17 -6.79 -4.27 -2.36
N LYS A 18 -7.75 -5.16 -2.11
CA LYS A 18 -8.49 -5.12 -0.86
C LYS A 18 -7.61 -5.49 0.32
N ALA A 19 -6.83 -6.55 0.15
CA ALA A 19 -5.91 -6.97 1.18
C ALA A 19 -4.87 -5.89 1.41
N CYS A 20 -4.30 -5.42 0.32
CA CYS A 20 -3.28 -4.38 0.31
C CYS A 20 -3.78 -3.12 1.03
N LYS A 21 -4.95 -2.65 0.63
CA LYS A 21 -5.57 -1.46 1.17
C LYS A 21 -5.80 -1.60 2.66
N SER A 22 -6.21 -2.78 3.10
CA SER A 22 -6.44 -3.02 4.50
C SER A 22 -5.11 -3.01 5.26
N VAL A 23 -4.15 -3.77 4.74
CA VAL A 23 -2.82 -3.90 5.34
C VAL A 23 -2.13 -2.54 5.43
N CYS A 24 -2.28 -1.73 4.40
CA CYS A 24 -1.73 -0.40 4.40
C CYS A 24 -2.29 0.44 5.53
N LYS A 25 -3.59 0.38 5.75
CA LYS A 25 -4.22 1.17 6.81
C LYS A 25 -3.87 0.61 8.19
N GLU A 26 -3.54 -0.67 8.22
CA GLU A 26 -3.12 -1.34 9.45
C GLU A 26 -1.68 -0.95 9.81
N HIS A 27 -0.80 -0.99 8.84
CA HIS A 27 0.61 -0.69 9.06
C HIS A 27 0.88 0.82 9.10
N TYR A 28 0.15 1.56 8.29
CA TYR A 28 0.32 3.00 8.18
C TYR A 28 -1.04 3.66 8.42
N HIS A 29 -1.17 4.37 9.51
CA HIS A 29 -2.47 4.95 9.85
C HIS A 29 -2.84 6.17 9.01
N HIS A 30 -1.85 6.75 8.36
CA HIS A 30 -2.11 7.87 7.45
C HIS A 30 -2.31 7.37 6.03
N ALA A 31 -2.39 6.06 5.88
CA ALA A 31 -2.65 5.45 4.61
C ALA A 31 -4.11 5.17 4.52
N CYS A 32 -4.67 5.39 3.38
CA CYS A 32 -6.06 5.07 3.18
C CYS A 32 -6.22 4.16 1.99
N LYS A 33 -5.21 4.15 1.14
CA LYS A 33 -5.27 3.38 -0.07
C LYS A 33 -3.96 2.69 -0.32
N GLY A 34 -4.04 1.45 -0.66
CA GLY A 34 -2.90 0.67 -1.02
C GLY A 34 -3.16 0.10 -2.38
N GLU A 35 -2.12 -0.09 -3.15
CA GLU A 35 -2.29 -0.61 -4.48
C GLU A 35 -1.16 -1.57 -4.77
N CYS A 36 -1.46 -2.67 -5.40
CA CYS A 36 -0.45 -3.63 -5.74
C CYS A 36 0.13 -3.27 -7.09
N GLU A 37 1.42 -3.07 -7.12
CA GLU A 37 2.08 -2.65 -8.32
C GLU A 37 3.25 -3.56 -8.60
N TYR A 38 3.48 -3.84 -9.86
CA TYR A 38 4.58 -4.69 -10.27
C TYR A 38 5.83 -3.87 -10.35
N HIS A 39 6.64 -3.99 -9.34
CA HIS A 39 7.83 -3.18 -9.24
C HIS A 39 9.05 -4.07 -9.31
N GLY A 40 9.66 -4.12 -10.47
CA GLY A 40 10.83 -4.90 -10.65
C GLY A 40 10.52 -6.36 -10.96
N ARG A 41 10.66 -7.19 -9.97
CA ARG A 41 10.46 -8.62 -10.12
C ARG A 41 9.06 -9.00 -9.64
N GLU A 42 8.79 -8.65 -8.42
CA GLU A 42 7.58 -9.05 -7.72
C GLU A 42 6.53 -7.94 -7.75
N VAL A 43 5.32 -8.29 -7.37
CA VAL A 43 4.27 -7.33 -7.22
C VAL A 43 4.18 -7.04 -5.72
N HIS A 44 4.06 -5.80 -5.36
CA HIS A 44 3.99 -5.48 -3.96
C HIS A 44 2.96 -4.44 -3.68
N CYS A 45 2.57 -4.40 -2.44
CA CYS A 45 1.57 -3.50 -1.96
C CYS A 45 2.19 -2.19 -1.61
N HIS A 46 1.85 -1.15 -2.32
CA HIS A 46 2.36 0.15 -2.04
C HIS A 46 1.32 0.96 -1.31
N CYS A 47 1.70 1.48 -0.18
CA CYS A 47 0.80 2.19 0.66
C CYS A 47 0.88 3.67 0.42
N TYR A 48 -0.26 4.26 0.16
CA TYR A 48 -0.33 5.67 -0.13
C TYR A 48 -1.03 6.40 0.99
N GLY A 49 -0.62 7.62 1.20
CA GLY A 49 -1.23 8.47 2.19
C GLY A 49 -0.44 9.74 2.34
N ASP A 50 -0.32 10.21 3.55
CA ASP A 50 0.47 11.40 3.84
C ASP A 50 1.67 11.00 4.68
N TYR A 51 2.84 11.37 4.25
CA TYR A 51 4.01 10.98 4.97
C TYR A 51 4.65 12.14 5.69
N HIS A 52 5.20 11.83 6.81
CA HIS A 52 5.93 12.74 7.64
C HIS A 52 6.71 11.90 8.66
N ALA A 1 -7.85 13.93 2.59
CA ALA A 1 -6.95 12.77 2.58
C ALA A 1 -6.40 12.54 1.18
N HIS A 2 -5.18 12.92 0.96
CA HIS A 2 -4.53 12.75 -0.31
C HIS A 2 -3.77 11.48 -0.36
N CYS A 3 -3.81 10.85 -1.49
CA CYS A 3 -3.11 9.63 -1.69
C CYS A 3 -2.11 9.83 -2.81
N ASP A 4 -1.09 10.60 -2.52
CA ASP A 4 -0.08 10.93 -3.52
C ASP A 4 1.29 10.49 -3.10
N HIS A 5 1.62 10.72 -1.86
CA HIS A 5 2.92 10.38 -1.36
C HIS A 5 2.97 8.93 -0.95
N PHE A 6 4.03 8.26 -1.34
CA PHE A 6 4.22 6.88 -1.00
C PHE A 6 4.86 6.79 0.36
N LEU A 7 4.16 6.22 1.28
CA LEU A 7 4.65 6.04 2.63
C LEU A 7 5.66 4.92 2.64
N GLY A 8 5.43 3.97 1.79
CA GLY A 8 6.29 2.84 1.68
C GLY A 8 5.56 1.73 0.98
N GLU A 9 6.20 0.62 0.84
CA GLU A 9 5.61 -0.51 0.23
C GLU A 9 5.35 -1.58 1.29
N ALA A 10 4.26 -2.26 1.17
CA ALA A 10 3.91 -3.32 2.09
C ALA A 10 3.72 -4.62 1.34
N PRO A 11 4.31 -5.70 1.84
CA PRO A 11 4.14 -7.02 1.23
C PRO A 11 2.78 -7.64 1.61
N VAL A 12 2.16 -8.32 0.67
CA VAL A 12 0.87 -8.93 0.90
C VAL A 12 0.77 -10.28 0.19
N TYR A 13 0.10 -11.21 0.82
CA TYR A 13 -0.17 -12.49 0.21
C TYR A 13 -1.52 -13.01 0.74
N PRO A 14 -2.48 -13.31 -0.13
CA PRO A 14 -2.35 -13.13 -1.57
C PRO A 14 -2.70 -11.70 -1.98
N CYS A 15 -2.31 -11.32 -3.17
CA CYS A 15 -2.62 -10.00 -3.65
C CYS A 15 -4.06 -9.87 -4.11
N LYS A 16 -4.87 -9.44 -3.20
CA LYS A 16 -6.22 -9.01 -3.45
C LYS A 16 -6.25 -7.57 -3.05
N GLU A 17 -6.97 -6.74 -3.78
CA GLU A 17 -6.98 -5.28 -3.54
C GLU A 17 -7.46 -4.96 -2.13
N LYS A 18 -8.51 -5.64 -1.72
CA LYS A 18 -9.09 -5.45 -0.39
C LYS A 18 -8.06 -5.77 0.69
N ALA A 19 -7.41 -6.91 0.54
CA ALA A 19 -6.38 -7.37 1.47
C ALA A 19 -5.18 -6.44 1.42
N CYS A 20 -4.83 -6.05 0.20
CA CYS A 20 -3.72 -5.16 -0.07
C CYS A 20 -3.89 -3.84 0.66
N LYS A 21 -5.03 -3.18 0.46
CA LYS A 21 -5.34 -1.92 1.11
C LYS A 21 -5.33 -2.08 2.62
N SER A 22 -5.82 -3.21 3.08
CA SER A 22 -5.88 -3.51 4.49
C SER A 22 -4.46 -3.68 5.07
N VAL A 23 -3.67 -4.57 4.49
CA VAL A 23 -2.28 -4.83 4.95
C VAL A 23 -1.45 -3.55 4.86
N CYS A 24 -1.69 -2.79 3.82
CA CYS A 24 -1.05 -1.51 3.60
C CYS A 24 -1.30 -0.59 4.82
N LYS A 25 -2.56 -0.54 5.28
CA LYS A 25 -2.95 0.27 6.44
C LYS A 25 -2.43 -0.33 7.75
N GLU A 26 -2.11 -1.60 7.73
CA GLU A 26 -1.56 -2.25 8.90
C GLU A 26 -0.12 -1.83 9.10
N HIS A 27 0.61 -1.77 8.00
CA HIS A 27 1.99 -1.34 8.04
C HIS A 27 2.07 0.17 8.18
N TYR A 28 1.27 0.86 7.41
CA TYR A 28 1.25 2.30 7.40
C TYR A 28 -0.16 2.77 7.71
N HIS A 29 -0.37 3.25 8.91
CA HIS A 29 -1.71 3.65 9.36
C HIS A 29 -2.25 4.85 8.59
N HIS A 30 -1.35 5.64 8.02
CA HIS A 30 -1.76 6.83 7.27
C HIS A 30 -2.12 6.49 5.82
N ALA A 31 -2.02 5.23 5.47
CA ALA A 31 -2.27 4.80 4.10
C ALA A 31 -3.75 4.85 3.78
N CYS A 32 -4.07 5.57 2.75
CA CYS A 32 -5.44 5.70 2.30
C CYS A 32 -5.68 4.81 1.10
N LYS A 33 -4.64 4.57 0.33
CA LYS A 33 -4.69 3.73 -0.82
C LYS A 33 -3.47 2.83 -0.86
N GLY A 34 -3.71 1.56 -1.01
CA GLY A 34 -2.67 0.60 -1.08
C GLY A 34 -2.93 -0.32 -2.22
N GLU A 35 -2.03 -0.36 -3.19
CA GLU A 35 -2.24 -1.21 -4.36
C GLU A 35 -1.00 -1.98 -4.76
N CYS A 36 -1.21 -3.24 -5.15
CA CYS A 36 -0.14 -4.11 -5.62
C CYS A 36 0.48 -3.55 -6.86
N GLU A 37 1.73 -3.28 -6.81
CA GLU A 37 2.44 -2.72 -7.93
C GLU A 37 3.51 -3.68 -8.36
N TYR A 38 3.37 -4.21 -9.55
CA TYR A 38 4.34 -5.12 -10.09
C TYR A 38 5.52 -4.32 -10.57
N HIS A 39 6.57 -4.31 -9.82
CA HIS A 39 7.71 -3.51 -10.17
C HIS A 39 8.95 -4.37 -10.19
N GLY A 40 9.30 -4.81 -11.37
CA GLY A 40 10.47 -5.60 -11.54
C GLY A 40 10.27 -7.03 -11.08
N ARG A 41 10.96 -7.40 -10.02
CA ARG A 41 10.89 -8.76 -9.48
C ARG A 41 9.69 -8.93 -8.56
N GLU A 42 9.51 -7.98 -7.68
CA GLU A 42 8.51 -8.08 -6.65
C GLU A 42 7.24 -7.36 -7.01
N VAL A 43 6.25 -7.59 -6.18
CA VAL A 43 5.00 -6.90 -6.22
C VAL A 43 4.64 -6.55 -4.79
N HIS A 44 4.61 -5.31 -4.50
CA HIS A 44 4.27 -4.88 -3.18
C HIS A 44 3.16 -3.91 -3.27
N CYS A 45 2.46 -3.77 -2.20
CA CYS A 45 1.41 -2.82 -2.11
C CYS A 45 2.00 -1.48 -1.82
N HIS A 46 1.91 -0.60 -2.76
CA HIS A 46 2.40 0.71 -2.59
C HIS A 46 1.37 1.49 -1.84
N CYS A 47 1.81 2.03 -0.74
CA CYS A 47 0.97 2.74 0.17
C CYS A 47 1.03 4.22 -0.04
N TYR A 48 -0.06 4.74 -0.48
CA TYR A 48 -0.25 6.15 -0.67
C TYR A 48 -0.90 6.64 0.58
N GLY A 49 -0.43 7.71 1.13
CA GLY A 49 -1.04 8.14 2.35
C GLY A 49 -0.92 9.59 2.61
N ASP A 50 -1.84 10.08 3.40
CA ASP A 50 -1.87 11.46 3.82
C ASP A 50 -1.35 11.47 5.23
N TYR A 51 -0.26 12.15 5.45
CA TYR A 51 0.37 12.10 6.74
C TYR A 51 0.82 13.46 7.19
N HIS A 52 0.65 13.72 8.45
CA HIS A 52 1.17 14.89 9.09
C HIS A 52 1.84 14.45 10.36
N ALA A 1 -6.75 15.89 2.83
CA ALA A 1 -5.78 15.48 1.84
C ALA A 1 -6.07 14.07 1.44
N HIS A 2 -5.88 13.77 0.18
CA HIS A 2 -6.11 12.42 -0.32
C HIS A 2 -4.85 11.59 -0.17
N CYS A 3 -4.94 10.33 -0.45
CA CYS A 3 -3.81 9.44 -0.36
C CYS A 3 -3.00 9.47 -1.65
N ASP A 4 -1.97 10.30 -1.66
CA ASP A 4 -1.11 10.46 -2.84
C ASP A 4 0.33 10.09 -2.54
N HIS A 5 0.76 10.40 -1.33
CA HIS A 5 2.13 10.13 -0.92
C HIS A 5 2.33 8.66 -0.68
N PHE A 6 3.38 8.10 -1.23
CA PHE A 6 3.75 6.75 -0.96
C PHE A 6 4.36 6.70 0.42
N LEU A 7 3.67 6.09 1.33
CA LEU A 7 4.12 6.01 2.70
C LEU A 7 5.16 4.95 2.83
N GLY A 8 5.04 3.95 2.00
CA GLY A 8 5.94 2.88 2.05
C GLY A 8 5.41 1.70 1.33
N GLU A 9 5.87 0.56 1.73
CA GLU A 9 5.51 -0.69 1.12
C GLU A 9 5.05 -1.65 2.19
N ALA A 10 4.30 -2.63 1.79
CA ALA A 10 3.86 -3.66 2.69
C ALA A 10 4.00 -5.03 2.02
N PRO A 11 4.44 -6.05 2.78
CA PRO A 11 4.56 -7.41 2.25
C PRO A 11 3.22 -8.17 2.27
N VAL A 12 2.73 -8.48 1.10
CA VAL A 12 1.50 -9.23 0.92
C VAL A 12 1.53 -9.92 -0.44
N TYR A 13 1.56 -11.24 -0.41
CA TYR A 13 1.65 -12.05 -1.59
C TYR A 13 1.14 -13.46 -1.30
N PRO A 14 0.19 -13.97 -2.10
CA PRO A 14 -0.44 -13.23 -3.21
C PRO A 14 -1.28 -12.06 -2.70
N CYS A 15 -1.46 -11.07 -3.51
CA CYS A 15 -2.11 -9.87 -3.07
C CYS A 15 -3.41 -9.59 -3.80
N LYS A 16 -4.41 -9.17 -3.05
CA LYS A 16 -5.67 -8.72 -3.60
C LYS A 16 -5.70 -7.21 -3.54
N GLU A 17 -6.50 -6.60 -4.38
CA GLU A 17 -6.63 -5.15 -4.42
C GLU A 17 -7.14 -4.62 -3.08
N LYS A 18 -8.10 -5.33 -2.54
CA LYS A 18 -8.68 -4.99 -1.25
C LYS A 18 -7.71 -5.36 -0.11
N ALA A 19 -6.85 -6.33 -0.36
CA ALA A 19 -5.91 -6.81 0.64
C ALA A 19 -4.77 -5.84 0.80
N CYS A 20 -4.33 -5.24 -0.28
CA CYS A 20 -3.25 -4.27 -0.19
C CYS A 20 -3.74 -3.06 0.63
N LYS A 21 -5.02 -2.72 0.44
CA LYS A 21 -5.67 -1.65 1.19
C LYS A 21 -5.64 -1.95 2.69
N SER A 22 -6.04 -3.17 3.03
CA SER A 22 -6.12 -3.60 4.40
C SER A 22 -4.72 -3.77 5.03
N VAL A 23 -3.80 -4.39 4.30
CA VAL A 23 -2.44 -4.58 4.77
C VAL A 23 -1.75 -3.22 4.99
N CYS A 24 -1.87 -2.32 4.03
CA CYS A 24 -1.32 -0.98 4.17
C CYS A 24 -1.90 -0.26 5.37
N LYS A 25 -3.19 -0.45 5.62
CA LYS A 25 -3.86 0.16 6.72
C LYS A 25 -3.27 -0.34 8.07
N GLU A 26 -2.84 -1.59 8.11
CA GLU A 26 -2.27 -2.14 9.32
C GLU A 26 -0.77 -1.85 9.45
N HIS A 27 -0.12 -1.53 8.35
CA HIS A 27 1.29 -1.11 8.43
C HIS A 27 1.40 0.40 8.63
N TYR A 28 0.53 1.12 7.98
CA TYR A 28 0.50 2.55 8.04
C TYR A 28 -0.93 2.99 8.27
N HIS A 29 -1.22 3.52 9.43
CA HIS A 29 -2.58 3.99 9.74
C HIS A 29 -2.91 5.27 8.97
N HIS A 30 -1.89 5.80 8.33
CA HIS A 30 -2.00 7.00 7.51
C HIS A 30 -2.42 6.61 6.09
N ALA A 31 -2.48 5.31 5.83
CA ALA A 31 -2.81 4.82 4.50
C ALA A 31 -4.28 4.55 4.38
N CYS A 32 -4.88 5.02 3.33
CA CYS A 32 -6.27 4.72 3.08
C CYS A 32 -6.36 3.83 1.84
N LYS A 33 -5.30 3.89 1.03
CA LYS A 33 -5.24 3.24 -0.24
C LYS A 33 -3.91 2.50 -0.37
N GLY A 34 -3.96 1.33 -0.97
CA GLY A 34 -2.78 0.57 -1.25
C GLY A 34 -2.91 -0.04 -2.61
N GLU A 35 -1.82 -0.20 -3.31
CA GLU A 35 -1.90 -0.80 -4.63
C GLU A 35 -0.75 -1.77 -4.83
N CYS A 36 -1.09 -3.00 -5.05
CA CYS A 36 -0.13 -4.02 -5.34
C CYS A 36 0.25 -3.99 -6.80
N GLU A 37 1.46 -3.56 -7.03
CA GLU A 37 1.99 -3.39 -8.35
C GLU A 37 3.27 -4.17 -8.44
N TYR A 38 3.58 -4.68 -9.60
CA TYR A 38 4.82 -5.42 -9.77
C TYR A 38 6.00 -4.48 -9.79
N HIS A 39 6.69 -4.44 -8.70
CA HIS A 39 7.82 -3.58 -8.50
C HIS A 39 9.04 -4.40 -8.85
N GLY A 40 9.41 -4.35 -10.08
CA GLY A 40 10.49 -5.14 -10.56
C GLY A 40 9.98 -6.46 -11.09
N ARG A 41 10.07 -7.47 -10.28
CA ARG A 41 9.62 -8.79 -10.64
C ARG A 41 8.34 -9.15 -9.87
N GLU A 42 8.41 -9.01 -8.57
CA GLU A 42 7.33 -9.43 -7.71
C GLU A 42 6.39 -8.28 -7.39
N VAL A 43 5.29 -8.59 -6.77
CA VAL A 43 4.30 -7.59 -6.50
C VAL A 43 4.55 -6.95 -5.13
N HIS A 44 4.50 -5.65 -5.10
CA HIS A 44 4.71 -4.88 -3.89
C HIS A 44 3.48 -4.06 -3.61
N CYS A 45 3.09 -4.03 -2.38
CA CYS A 45 1.93 -3.29 -1.95
C CYS A 45 2.38 -1.88 -1.60
N HIS A 46 2.07 -0.95 -2.47
CA HIS A 46 2.45 0.44 -2.29
C HIS A 46 1.37 1.15 -1.51
N CYS A 47 1.74 1.64 -0.37
CA CYS A 47 0.81 2.28 0.52
C CYS A 47 0.74 3.78 0.26
N TYR A 48 -0.44 4.26 0.01
CA TYR A 48 -0.66 5.67 -0.26
C TYR A 48 -1.36 6.30 0.92
N GLY A 49 -0.94 7.48 1.27
CA GLY A 49 -1.55 8.21 2.34
C GLY A 49 -1.09 9.63 2.33
N ASP A 50 -1.15 10.26 3.46
CA ASP A 50 -0.67 11.62 3.62
C ASP A 50 0.40 11.60 4.67
N TYR A 51 1.50 12.25 4.37
CA TYR A 51 2.63 12.27 5.27
C TYR A 51 3.24 13.65 5.26
N HIS A 52 3.54 14.16 6.42
CA HIS A 52 4.13 15.47 6.60
C HIS A 52 4.67 15.52 7.99
N ALA A 1 -2.04 16.06 1.49
CA ALA A 1 -3.45 16.32 1.68
C ALA A 1 -4.29 15.06 1.43
N HIS A 2 -4.35 14.59 0.19
CA HIS A 2 -5.18 13.43 -0.14
C HIS A 2 -4.35 12.20 -0.51
N CYS A 3 -5.05 11.12 -0.85
CA CYS A 3 -4.46 9.79 -1.15
C CYS A 3 -3.63 9.73 -2.45
N ASP A 4 -2.89 10.76 -2.75
CA ASP A 4 -2.02 10.74 -3.92
C ASP A 4 -0.58 10.50 -3.47
N HIS A 5 -0.32 10.83 -2.22
CA HIS A 5 0.98 10.68 -1.59
C HIS A 5 1.23 9.23 -1.23
N PHE A 6 2.44 8.79 -1.44
CA PHE A 6 2.84 7.46 -1.12
C PHE A 6 3.46 7.42 0.25
N LEU A 7 3.01 6.53 1.06
CA LEU A 7 3.55 6.36 2.38
C LEU A 7 4.68 5.37 2.34
N GLY A 8 4.66 4.52 1.34
CA GLY A 8 5.68 3.54 1.19
C GLY A 8 5.14 2.31 0.54
N GLU A 9 5.98 1.33 0.35
CA GLU A 9 5.57 0.08 -0.21
C GLU A 9 5.53 -0.98 0.87
N ALA A 10 4.59 -1.89 0.74
CA ALA A 10 4.41 -2.97 1.68
C ALA A 10 4.27 -4.29 0.93
N PRO A 11 4.88 -5.36 1.44
CA PRO A 11 4.77 -6.70 0.83
C PRO A 11 3.41 -7.35 1.13
N VAL A 12 2.77 -7.88 0.11
CA VAL A 12 1.47 -8.50 0.24
C VAL A 12 1.20 -9.41 -0.95
N TYR A 13 0.71 -10.61 -0.69
CA TYR A 13 0.32 -11.51 -1.72
C TYR A 13 -0.71 -12.48 -1.12
N PRO A 14 -1.77 -12.86 -1.87
CA PRO A 14 -2.02 -12.39 -3.23
C PRO A 14 -2.56 -10.95 -3.24
N CYS A 15 -2.59 -10.35 -4.41
CA CYS A 15 -3.07 -9.01 -4.55
C CYS A 15 -4.57 -8.97 -4.54
N LYS A 16 -5.08 -8.36 -3.53
CA LYS A 16 -6.44 -8.14 -3.37
C LYS A 16 -6.50 -6.74 -2.84
N GLU A 17 -7.40 -5.94 -3.34
CA GLU A 17 -7.48 -4.53 -2.98
C GLU A 17 -7.64 -4.37 -1.47
N LYS A 18 -8.57 -5.14 -0.91
CA LYS A 18 -8.82 -5.07 0.52
C LYS A 18 -7.59 -5.55 1.33
N ALA A 19 -6.92 -6.57 0.83
CA ALA A 19 -5.74 -7.13 1.51
C ALA A 19 -4.59 -6.15 1.44
N CYS A 20 -4.41 -5.57 0.27
CA CYS A 20 -3.40 -4.57 0.02
C CYS A 20 -3.59 -3.40 0.96
N LYS A 21 -4.82 -2.89 0.97
CA LYS A 21 -5.22 -1.77 1.80
C LYS A 21 -5.03 -2.12 3.31
N SER A 22 -5.33 -3.37 3.66
CA SER A 22 -5.17 -3.85 5.02
C SER A 22 -3.68 -3.91 5.43
N VAL A 23 -2.85 -4.49 4.58
CA VAL A 23 -1.42 -4.59 4.84
C VAL A 23 -0.81 -3.20 4.92
N CYS A 24 -1.26 -2.33 4.02
CA CYS A 24 -0.87 -0.96 4.02
C CYS A 24 -1.13 -0.30 5.36
N LYS A 25 -2.33 -0.52 5.94
CA LYS A 25 -2.68 0.02 7.27
C LYS A 25 -1.70 -0.42 8.35
N GLU A 26 -1.24 -1.64 8.22
CA GLU A 26 -0.36 -2.21 9.22
C GLU A 26 1.03 -1.60 9.14
N HIS A 27 1.53 -1.44 7.95
CA HIS A 27 2.86 -0.85 7.78
C HIS A 27 2.81 0.66 7.92
N TYR A 28 1.78 1.25 7.39
CA TYR A 28 1.60 2.69 7.40
C TYR A 28 0.15 2.94 7.80
N HIS A 29 -0.05 3.33 9.04
CA HIS A 29 -1.39 3.40 9.64
C HIS A 29 -2.32 4.39 8.97
N HIS A 30 -1.76 5.35 8.28
CA HIS A 30 -2.56 6.37 7.62
C HIS A 30 -2.81 6.02 6.15
N ALA A 31 -2.52 4.79 5.77
CA ALA A 31 -2.72 4.36 4.41
C ALA A 31 -4.20 4.19 4.11
N CYS A 32 -4.64 4.81 3.07
CA CYS A 32 -6.02 4.80 2.68
C CYS A 32 -6.26 3.92 1.45
N LYS A 33 -5.22 3.66 0.67
CA LYS A 33 -5.37 2.91 -0.57
C LYS A 33 -4.03 2.28 -0.93
N GLY A 34 -4.05 1.23 -1.73
CA GLY A 34 -2.83 0.59 -2.14
C GLY A 34 -2.89 0.16 -3.60
N GLU A 35 -1.74 0.13 -4.24
CA GLU A 35 -1.61 -0.28 -5.64
C GLU A 35 -0.59 -1.40 -5.71
N CYS A 36 -0.95 -2.50 -6.31
CA CYS A 36 -0.03 -3.65 -6.42
C CYS A 36 0.92 -3.46 -7.60
N GLU A 37 2.17 -3.18 -7.29
CA GLU A 37 3.19 -2.93 -8.30
C GLU A 37 4.26 -4.00 -8.20
N TYR A 38 4.64 -4.55 -9.33
CA TYR A 38 5.63 -5.59 -9.36
C TYR A 38 7.02 -5.01 -9.30
N HIS A 39 7.83 -5.55 -8.42
CA HIS A 39 9.21 -5.15 -8.29
C HIS A 39 10.06 -6.36 -8.41
N GLY A 40 10.72 -6.47 -9.53
CA GLY A 40 11.56 -7.60 -9.78
C GLY A 40 10.74 -8.81 -10.11
N ARG A 41 10.51 -9.66 -9.13
CA ARG A 41 9.77 -10.87 -9.33
C ARG A 41 8.61 -10.98 -8.35
N GLU A 42 8.48 -10.03 -7.44
CA GLU A 42 7.44 -10.08 -6.44
C GLU A 42 6.63 -8.77 -6.47
N VAL A 43 5.36 -8.85 -6.16
CA VAL A 43 4.51 -7.68 -6.18
C VAL A 43 4.49 -7.01 -4.80
N HIS A 44 4.55 -5.70 -4.78
CA HIS A 44 4.52 -4.92 -3.55
C HIS A 44 3.41 -3.91 -3.67
N CYS A 45 2.84 -3.51 -2.60
CA CYS A 45 1.80 -2.51 -2.64
C CYS A 45 2.33 -1.14 -2.33
N HIS A 46 2.04 -0.20 -3.21
CA HIS A 46 2.32 1.18 -2.99
C HIS A 46 1.16 1.75 -2.22
N CYS A 47 1.42 2.07 -0.99
CA CYS A 47 0.40 2.53 -0.11
C CYS A 47 0.26 4.04 -0.18
N TYR A 48 -0.93 4.48 -0.45
CA TYR A 48 -1.24 5.89 -0.54
C TYR A 48 -1.79 6.32 0.78
N GLY A 49 -1.57 7.55 1.13
CA GLY A 49 -2.11 8.07 2.34
C GLY A 49 -1.44 9.34 2.75
N ASP A 50 -1.99 9.97 3.73
CA ASP A 50 -1.46 11.21 4.25
C ASP A 50 -1.31 11.02 5.74
N TYR A 51 -0.09 11.03 6.22
CA TYR A 51 0.16 10.70 7.59
C TYR A 51 0.34 11.93 8.45
N HIS A 52 0.37 11.69 9.74
CA HIS A 52 0.43 12.73 10.79
C HIS A 52 -0.95 13.33 10.95
#